data_5ZH2
#
_entry.id   5ZH2
#
_cell.length_a   52.810
_cell.length_b   126.150
_cell.length_c   181.570
_cell.angle_alpha   90.000
_cell.angle_beta   90.000
_cell.angle_gamma   90.000
#
_symmetry.space_group_name_H-M   'P 21 21 21'
#
loop_
_entity.id
_entity.type
_entity.pdbx_description
1 polymer 'Lysine-tRNA ligase'
2 non-polymer LYSINE
3 non-polymer (3R)-6,8-dihydroxy-3-{[(2R,6R)-6-methyloxan-2-yl]methyl}-3,4-dihydro-1H-2-benzopyran-1-one
4 non-polymer 'CHLORIDE ION'
5 non-polymer '3[N-MORPHOLINO]PROPANE SULFONIC ACID'
#
_entity_poly.entity_id   1
_entity_poly.type   'polypeptide(L)'
_entity_poly.pdbx_seq_one_letter_code
;EVDPRLYFENRSKFIQDQKDKGINPYPHKFERTISIPEFIEKYKDLGNGEHLEDTILNITGRIMRVSASGQKLRFFDLVG
DGEKIQVLANYSFHNHEKGNFAECYDKIRRGDIVGIVGFPGKSKKGELSIFPKETILLSACLHMLPMKYGLKDTEIRYRQ
RYLDLLINESSRHTFVTRTKIINFLRNFLNERGFFEVETPMMNLIAGGANARPFITHHNDLDLDLYLRIATELPLKMLIV
GGIDKVYEIGKVFRNEGIDNTHNPEFTSCEFYWAYADYNDLIKWSEDFFSQLVYHLFGTYKISYNKDGPENQPIEIDFTP
PYPKVSIVEEIEKVTNTILEQPFDSNETIEKMINIIKEHKIELPNPPTAAKLLDQLASHFIENKYNDKPFFIVEHPQIMS
PLAKYHRTKPGLTERLEMFICGKEVLNAYTELNDPFKQKECFKLQQKDREKGDTEAAQLDSAFCTSLEYGLPPTGGLGLG
IDRITMFLTNKNSIKDVILFPTMRPAN
;
_entity_poly.pdbx_strand_id   A,B
#
# COMPACT_ATOMS: atom_id res chain seq x y z
N GLU A 1 41.30 -16.41 12.75
CA GLU A 1 42.34 -15.61 13.51
C GLU A 1 41.78 -14.96 14.79
N VAL A 2 40.46 -14.74 14.80
CA VAL A 2 39.82 -13.93 15.81
C VAL A 2 38.55 -14.58 16.28
N ASP A 3 38.32 -14.53 17.59
CA ASP A 3 37.04 -14.95 18.18
C ASP A 3 36.02 -13.85 17.98
N PRO A 4 34.80 -14.22 17.63
CA PRO A 4 33.81 -13.17 17.37
C PRO A 4 33.26 -12.46 18.61
N ARG A 5 33.17 -13.18 19.72
CA ARG A 5 32.62 -12.58 20.91
C ARG A 5 33.63 -11.58 21.44
N LEU A 6 34.88 -11.99 21.47
CA LEU A 6 35.95 -11.07 21.84
C LEU A 6 35.93 -9.82 20.97
N TYR A 7 35.72 -10.00 19.67
CA TYR A 7 35.70 -8.91 18.75
C TYR A 7 34.58 -7.98 19.10
N PHE A 8 33.38 -8.55 19.26
CA PHE A 8 32.22 -7.77 19.64
C PHE A 8 32.47 -7.02 20.95
N GLU A 9 32.96 -7.72 21.95
CA GLU A 9 33.17 -7.12 23.24
C GLU A 9 34.24 -6.09 23.24
N ASN A 10 35.31 -6.27 22.48
CA ASN A 10 36.30 -5.20 22.32
C ASN A 10 35.82 -3.96 21.57
N ARG A 11 35.02 -4.09 20.52
CA ARG A 11 34.56 -2.92 19.80
C ARG A 11 33.62 -2.14 20.69
N SER A 12 32.82 -2.86 21.47
CA SER A 12 32.01 -2.28 22.55
C SER A 12 32.83 -1.46 23.54
N LYS A 13 33.88 -2.05 24.06
CA LYS A 13 34.71 -1.34 25.00
C LYS A 13 35.30 -0.08 24.33
N PHE A 14 35.66 -0.17 23.05
CA PHE A 14 36.24 0.94 22.33
C PHE A 14 35.27 2.10 22.25
N ILE A 15 34.03 1.78 21.93
CA ILE A 15 32.99 2.79 21.84
C ILE A 15 32.80 3.51 23.16
N GLN A 16 32.75 2.79 24.27
CA GLN A 16 32.56 3.44 25.56
C GLN A 16 33.80 4.25 25.93
N ASP A 17 34.97 3.72 25.64
CA ASP A 17 36.22 4.43 25.89
C ASP A 17 36.28 5.75 25.14
N GLN A 18 35.69 5.79 23.94
CA GLN A 18 35.59 7.03 23.20
C GLN A 18 34.67 7.99 23.94
N LYS A 19 33.49 7.52 24.27
CA LYS A 19 32.56 8.29 25.07
C LYS A 19 33.25 8.89 26.32
N ASP A 20 33.85 8.04 27.15
CA ASP A 20 34.41 8.49 28.41
C ASP A 20 35.48 9.58 28.29
N LYS A 21 36.10 9.70 27.13
CA LYS A 21 37.13 10.69 26.93
C LYS A 21 36.63 11.89 26.09
N GLY A 22 35.30 12.06 26.00
CA GLY A 22 34.72 13.11 25.14
C GLY A 22 34.26 12.76 23.71
N ILE A 23 35.05 12.00 22.93
CA ILE A 23 34.64 11.73 21.52
C ILE A 23 33.23 11.16 21.51
N ASN A 24 32.44 11.63 20.53
CA ASN A 24 31.12 11.12 20.27
C ASN A 24 31.26 10.16 19.09
N PRO A 25 31.15 8.85 19.33
CA PRO A 25 31.44 7.89 18.28
C PRO A 25 30.26 7.73 17.34
N TYR A 26 29.13 8.35 17.66
CA TYR A 26 27.92 8.32 16.84
C TYR A 26 27.48 9.78 16.58
N PRO A 27 28.22 10.50 15.73
CA PRO A 27 27.86 11.88 15.44
C PRO A 27 26.49 12.01 14.80
N HIS A 28 25.86 13.14 15.00
CA HIS A 28 24.51 13.34 14.51
C HIS A 28 24.43 13.58 13.04
N LYS A 29 25.37 14.35 12.50
CA LYS A 29 25.23 14.82 11.16
C LYS A 29 26.57 15.00 10.48
N PHE A 30 26.75 14.35 9.35
CA PHE A 30 27.89 14.57 8.48
C PHE A 30 27.32 15.16 7.19
N GLU A 31 27.65 16.40 6.88
CA GLU A 31 27.03 17.06 5.70
C GLU A 31 27.77 16.53 4.45
N ARG A 32 27.13 15.65 3.69
CA ARG A 32 27.80 15.08 2.55
C ARG A 32 27.37 15.81 1.29
N THR A 33 28.30 15.96 0.34
CA THR A 33 28.09 16.79 -0.85
C THR A 33 27.90 15.97 -2.13
N ILE A 34 28.12 14.66 -2.05
CA ILE A 34 28.01 13.77 -3.20
C ILE A 34 27.78 12.31 -2.77
N SER A 35 27.00 11.58 -3.56
CA SER A 35 26.75 10.19 -3.29
C SER A 35 27.77 9.40 -4.09
N ILE A 36 27.93 8.13 -3.72
CA ILE A 36 28.86 7.26 -4.45
C ILE A 36 28.51 7.08 -5.93
N PRO A 37 27.27 6.72 -6.26
CA PRO A 37 26.90 6.78 -7.68
C PRO A 37 27.26 8.11 -8.38
N GLU A 38 26.84 9.25 -7.84
CA GLU A 38 27.27 10.56 -8.37
C GLU A 38 28.80 10.67 -8.55
N PHE A 39 29.56 10.14 -7.61
CA PHE A 39 31.00 10.24 -7.65
C PHE A 39 31.53 9.50 -8.88
N ILE A 40 31.04 8.29 -9.09
CA ILE A 40 31.52 7.46 -10.18
C ILE A 40 31.23 8.12 -11.54
N GLU A 41 29.97 8.52 -11.68
CA GLU A 41 29.49 9.19 -12.87
C GLU A 41 30.33 10.43 -13.19
N LYS A 42 30.76 11.16 -12.18
CA LYS A 42 31.48 12.40 -12.37
C LYS A 42 32.94 12.21 -12.65
N TYR A 43 33.55 11.19 -12.08
CA TYR A 43 35.00 11.04 -12.15
C TYR A 43 35.52 9.80 -12.81
N LYS A 44 34.66 8.94 -13.37
CA LYS A 44 35.16 7.78 -14.14
C LYS A 44 36.03 8.24 -15.30
N ASP A 45 35.73 9.37 -15.90
CA ASP A 45 36.45 9.84 -17.08
C ASP A 45 37.89 10.33 -16.82
N LEU A 46 38.37 10.23 -15.58
CA LEU A 46 39.69 10.73 -15.24
C LEU A 46 40.79 9.84 -15.82
N GLY A 47 42.02 10.38 -15.91
CA GLY A 47 43.19 9.64 -16.34
C GLY A 47 43.83 8.95 -15.16
N ASN A 48 44.69 8.00 -15.41
CA ASN A 48 45.26 7.25 -14.34
C ASN A 48 46.30 8.10 -13.73
N GLY A 49 46.37 8.07 -12.41
CA GLY A 49 47.34 8.89 -11.71
C GLY A 49 46.88 10.32 -11.49
N GLU A 50 45.73 10.72 -12.05
CA GLU A 50 45.29 12.10 -11.97
C GLU A 50 44.60 12.36 -10.62
N HIS A 51 45.04 13.42 -9.92
CA HIS A 51 44.38 13.92 -8.69
C HIS A 51 43.78 15.29 -8.96
N LEU A 52 42.63 15.56 -8.36
CA LEU A 52 42.07 16.89 -8.30
C LEU A 52 42.16 17.35 -6.88
N GLU A 53 43.37 17.78 -6.50
CA GLU A 53 43.67 18.19 -5.10
C GLU A 53 42.94 19.46 -4.74
N ASP A 54 42.69 20.28 -5.75
CA ASP A 54 41.87 21.47 -5.66
C ASP A 54 40.46 21.19 -5.16
N THR A 55 39.91 20.01 -5.43
CA THR A 55 38.48 19.75 -5.25
C THR A 55 38.14 18.98 -4.00
N ILE A 56 37.44 19.57 -3.04
CA ILE A 56 37.18 18.89 -1.75
C ILE A 56 35.76 18.39 -1.66
N LEU A 57 35.59 17.07 -1.53
CA LEU A 57 34.29 16.44 -1.34
C LEU A 57 34.06 15.89 0.07
N ASN A 58 32.80 15.87 0.50
CA ASN A 58 32.34 15.06 1.66
C ASN A 58 31.52 13.89 1.19
N ILE A 59 31.98 12.69 1.52
CA ILE A 59 31.31 11.52 1.06
C ILE A 59 31.08 10.51 2.22
N THR A 60 30.07 9.66 2.08
CA THR A 60 29.82 8.64 3.08
C THR A 60 29.60 7.30 2.42
N GLY A 61 29.63 6.26 3.25
CA GLY A 61 29.45 4.90 2.79
C GLY A 61 29.93 3.90 3.84
N ARG A 62 29.85 2.62 3.51
CA ARG A 62 30.22 1.58 4.42
C ARG A 62 31.52 0.90 3.97
N ILE A 63 32.49 0.73 4.88
CA ILE A 63 33.71 -0.01 4.57
C ILE A 63 33.40 -1.50 4.39
N MET A 64 33.73 -2.08 3.24
CA MET A 64 33.55 -3.50 3.05
C MET A 64 34.82 -4.28 2.81
N ARG A 65 35.94 -3.60 2.52
CA ARG A 65 37.22 -4.25 2.45
C ARG A 65 38.25 -3.39 3.15
N VAL A 66 39.20 -4.01 3.83
CA VAL A 66 40.23 -3.28 4.53
C VAL A 66 41.58 -3.85 4.16
N SER A 67 42.50 -2.99 3.78
CA SER A 67 43.76 -3.46 3.30
C SER A 67 44.81 -2.40 3.54
N ALA A 68 46.08 -2.75 3.45
CA ALA A 68 47.15 -1.81 3.72
C ALA A 68 48.44 -2.20 3.03
N SER A 69 49.23 -1.21 2.67
CA SER A 69 50.50 -1.47 2.10
C SER A 69 51.45 -1.48 3.24
N GLY A 70 51.40 -0.47 4.08
CA GLY A 70 52.04 -0.52 5.39
C GLY A 70 51.23 0.38 6.30
N GLN A 71 51.90 0.98 7.27
CA GLN A 71 51.24 1.78 8.32
C GLN A 71 50.77 3.10 7.77
N LYS A 72 51.52 3.64 6.81
CA LYS A 72 51.23 4.95 6.22
C LYS A 72 50.42 4.89 4.95
N LEU A 73 49.92 3.71 4.59
CA LEU A 73 49.07 3.56 3.36
C LEU A 73 47.95 2.50 3.53
N ARG A 74 46.71 2.97 3.62
CA ARG A 74 45.58 2.10 3.87
C ARG A 74 44.61 2.17 2.72
N PHE A 75 44.00 1.06 2.40
CA PHE A 75 43.04 0.99 1.31
C PHE A 75 41.73 0.42 1.86
N PHE A 76 40.62 0.95 1.40
CA PHE A 76 39.34 0.38 1.70
C PHE A 76 38.46 0.37 0.45
N ASP A 77 37.42 -0.46 0.49
CA ASP A 77 36.34 -0.43 -0.47
C ASP A 77 35.16 0.22 0.20
N LEU A 78 34.59 1.27 -0.39
CA LEU A 78 33.49 2.01 0.21
C LEU A 78 32.24 1.90 -0.64
N VAL A 79 31.13 1.46 -0.01
CA VAL A 79 29.91 1.14 -0.74
C VAL A 79 28.75 1.96 -0.24
N GLY A 80 27.96 2.38 -1.22
CA GLY A 80 26.80 3.21 -1.03
C GLY A 80 25.95 2.93 -2.25
N ASP A 81 24.66 2.68 -2.01
CA ASP A 81 23.69 2.51 -3.09
C ASP A 81 24.11 1.50 -4.15
N GLY A 82 24.67 0.39 -3.70
CA GLY A 82 25.04 -0.69 -4.59
C GLY A 82 26.25 -0.41 -5.46
N GLU A 83 27.02 0.62 -5.15
CA GLU A 83 28.24 0.93 -5.88
C GLU A 83 29.42 1.01 -4.94
N LYS A 84 30.61 0.93 -5.48
CA LYS A 84 31.78 0.81 -4.66
C LYS A 84 32.86 1.69 -5.28
N ILE A 85 33.69 2.30 -4.44
CA ILE A 85 34.89 3.01 -4.89
C ILE A 85 35.98 2.72 -3.90
N GLN A 86 37.20 3.07 -4.25
CA GLN A 86 38.31 2.89 -3.35
C GLN A 86 38.61 4.13 -2.49
N VAL A 87 39.02 3.89 -1.25
CA VAL A 87 39.53 4.93 -0.37
C VAL A 87 40.98 4.64 -0.29
N LEU A 88 41.80 5.59 -0.67
CA LEU A 88 43.24 5.42 -0.60
C LEU A 88 43.75 6.42 0.41
N ALA A 89 44.01 5.97 1.61
CA ALA A 89 44.40 6.87 2.71
C ALA A 89 45.88 6.86 2.81
N ASN A 90 46.48 8.03 2.72
CA ASN A 90 47.92 8.17 2.67
C ASN A 90 48.36 9.09 3.79
N TYR A 91 49.24 8.61 4.64
CA TYR A 91 49.65 9.40 5.79
C TYR A 91 49.90 10.83 5.39
N SER A 92 50.71 11.02 4.36
CA SER A 92 51.10 12.36 4.04
C SER A 92 49.93 13.29 3.74
N PHE A 93 48.84 12.82 3.09
CA PHE A 93 47.66 13.69 2.82
C PHE A 93 46.71 13.92 4.02
N HIS A 94 47.05 13.38 5.18
CA HIS A 94 46.11 13.33 6.34
C HIS A 94 46.20 14.60 7.08
N ASN A 95 45.07 15.13 7.48
CA ASN A 95 45.08 16.33 8.30
C ASN A 95 45.41 15.97 9.75
N HIS A 96 46.68 16.09 10.06
CA HIS A 96 47.21 15.47 11.27
C HIS A 96 46.83 16.21 12.53
N GLU A 97 46.35 17.45 12.39
CA GLU A 97 45.96 18.23 13.54
C GLU A 97 44.70 17.66 14.14
N LYS A 98 43.92 16.95 13.33
CA LYS A 98 42.66 16.38 13.79
C LYS A 98 42.80 15.00 14.38
N GLY A 99 43.99 14.43 14.36
CA GLY A 99 44.24 13.13 14.98
C GLY A 99 45.41 12.35 14.38
N ASN A 100 46.03 11.50 15.18
CA ASN A 100 47.13 10.66 14.75
C ASN A 100 46.68 9.68 13.68
N PHE A 101 47.39 9.65 12.54
CA PHE A 101 46.96 8.84 11.38
C PHE A 101 46.75 7.38 11.75
N ALA A 102 47.74 6.79 12.37
CA ALA A 102 47.73 5.39 12.70
C ALA A 102 46.58 5.02 13.67
N GLU A 103 46.37 5.83 14.68
CA GLU A 103 45.28 5.59 15.61
C GLU A 103 43.92 5.88 14.96
N CYS A 104 43.82 6.90 14.11
CA CYS A 104 42.59 7.16 13.40
C CYS A 104 42.21 5.93 12.51
N TYR A 105 43.14 5.39 11.72
CA TYR A 105 42.84 4.31 10.74
C TYR A 105 42.91 2.89 11.27
N ASP A 106 43.66 2.69 12.33
CA ASP A 106 43.68 1.39 12.95
C ASP A 106 42.30 1.09 13.55
N LYS A 107 41.54 2.10 13.99
CA LYS A 107 40.23 1.87 14.58
C LYS A 107 39.13 1.65 13.54
N ILE A 108 39.45 1.68 12.25
CA ILE A 108 38.44 1.51 11.19
C ILE A 108 38.40 0.10 10.60
N ARG A 109 37.29 -0.58 10.89
CA ARG A 109 37.13 -1.97 10.55
C ARG A 109 36.07 -2.19 9.48
N ARG A 110 36.11 -3.36 8.91
CA ARG A 110 35.14 -3.78 7.98
C ARG A 110 33.70 -3.68 8.54
N GLY A 111 32.85 -3.00 7.82
CA GLY A 111 31.46 -2.81 8.24
C GLY A 111 31.19 -1.41 8.79
N ASP A 112 32.24 -0.67 9.13
CA ASP A 112 32.02 0.67 9.64
C ASP A 112 31.46 1.62 8.58
N ILE A 113 30.60 2.48 9.07
CA ILE A 113 30.06 3.56 8.31
C ILE A 113 30.89 4.75 8.62
N VAL A 114 31.36 5.39 7.56
CA VAL A 114 32.27 6.51 7.66
C VAL A 114 31.86 7.71 6.82
N GLY A 115 32.48 8.81 7.19
CA GLY A 115 32.33 10.06 6.51
C GLY A 115 33.72 10.49 6.17
N ILE A 116 33.93 10.91 4.94
CA ILE A 116 35.23 11.15 4.40
C ILE A 116 35.24 12.50 3.75
N VAL A 117 36.29 13.25 4.07
CA VAL A 117 36.52 14.54 3.47
C VAL A 117 37.76 14.44 2.67
N GLY A 118 37.68 14.64 1.36
CA GLY A 118 38.86 14.43 0.53
C GLY A 118 38.68 14.73 -0.92
N PHE A 119 39.65 14.31 -1.72
CA PHE A 119 39.70 14.69 -3.09
C PHE A 119 39.67 13.48 -4.00
N PRO A 120 38.95 13.61 -5.13
CA PRO A 120 38.86 12.53 -6.07
C PRO A 120 40.12 12.36 -6.87
N GLY A 121 40.34 11.15 -7.33
CA GLY A 121 41.53 10.81 -8.08
C GLY A 121 41.48 9.38 -8.58
N LYS A 122 42.57 8.97 -9.24
CA LYS A 122 42.77 7.59 -9.63
C LYS A 122 44.14 7.16 -9.23
N SER A 123 44.27 5.91 -8.81
CA SER A 123 45.59 5.28 -8.70
C SER A 123 46.25 5.08 -10.09
N LYS A 124 47.56 4.86 -10.07
CA LYS A 124 48.32 4.70 -11.31
C LYS A 124 47.70 3.56 -12.08
N LYS A 125 47.27 2.52 -11.33
CA LYS A 125 46.56 1.34 -11.89
C LYS A 125 45.28 1.72 -12.61
N GLY A 126 44.65 2.81 -12.17
CA GLY A 126 43.43 3.32 -12.78
C GLY A 126 42.21 3.17 -11.90
N GLU A 127 42.40 2.88 -10.62
CA GLU A 127 41.28 2.64 -9.71
C GLU A 127 40.69 3.95 -9.19
N LEU A 128 39.40 4.14 -9.37
CA LEU A 128 38.77 5.36 -8.91
C LEU A 128 38.70 5.42 -7.39
N SER A 129 39.25 6.50 -6.85
CA SER A 129 39.38 6.64 -5.40
C SER A 129 39.05 8.01 -4.83
N ILE A 130 38.66 8.02 -3.57
CA ILE A 130 38.68 9.25 -2.78
C ILE A 130 39.94 9.19 -1.94
N PHE A 131 40.63 10.31 -1.81
CA PHE A 131 41.87 10.40 -1.06
C PHE A 131 41.52 11.28 0.13
N PRO A 132 41.40 10.69 1.33
CA PRO A 132 40.92 11.43 2.48
C PRO A 132 41.93 12.39 3.05
N LYS A 133 41.44 13.49 3.64
CA LYS A 133 42.16 14.35 4.59
C LYS A 133 41.72 13.98 6.00
N GLU A 134 40.49 13.56 6.08
CA GLU A 134 39.86 13.18 7.32
C GLU A 134 38.88 12.08 7.05
N THR A 135 38.93 11.03 7.84
CA THR A 135 37.89 10.01 7.84
C THR A 135 37.21 9.89 9.23
N ILE A 136 35.92 10.19 9.31
CA ILE A 136 35.20 10.17 10.56
C ILE A 136 34.38 8.88 10.67
N LEU A 137 34.47 8.22 11.84
CA LEU A 137 33.56 7.10 12.17
C LEU A 137 32.23 7.69 12.54
N LEU A 138 31.18 7.29 11.81
CA LEU A 138 29.82 7.78 12.02
C LEU A 138 28.98 6.76 12.74
N SER A 139 29.26 5.50 12.53
CA SER A 139 28.60 4.43 13.23
C SER A 139 29.40 3.13 13.07
N ALA A 140 29.85 2.56 14.18
CA ALA A 140 30.68 1.37 14.11
C ALA A 140 29.85 0.13 13.88
N CYS A 141 30.42 -0.84 13.16
CA CYS A 141 29.89 -2.21 13.11
C CYS A 141 30.53 -3.06 14.22
N LEU A 142 29.73 -3.53 15.18
CA LEU A 142 30.26 -4.25 16.35
C LEU A 142 30.53 -5.74 16.10
N HIS A 143 29.92 -6.31 15.07
CA HIS A 143 30.19 -7.69 14.72
C HIS A 143 31.11 -7.78 13.52
N MET A 144 31.74 -8.92 13.36
CA MET A 144 32.45 -9.27 12.13
C MET A 144 31.42 -9.68 11.09
N LEU A 145 31.41 -8.98 9.96
CA LEU A 145 30.62 -9.39 8.81
C LEU A 145 31.14 -10.72 8.21
N PRO A 146 30.27 -11.48 7.53
CA PRO A 146 30.69 -12.64 6.72
C PRO A 146 31.32 -12.26 5.36
N MET A 147 32.28 -13.06 4.89
CA MET A 147 33.03 -12.78 3.63
C MET A 147 32.39 -13.44 2.42
N THR A 154 22.73 -19.34 4.48
CA THR A 154 21.86 -20.36 5.07
C THR A 154 20.43 -19.79 5.25
N GLU A 155 19.91 -19.89 6.46
CA GLU A 155 18.69 -19.19 6.84
C GLU A 155 18.96 -17.74 7.19
N ILE A 156 20.21 -17.40 7.45
CA ILE A 156 20.60 -16.05 7.83
C ILE A 156 20.09 -14.99 6.85
N ARG A 157 20.11 -15.32 5.57
CA ARG A 157 19.58 -14.41 4.57
C ARG A 157 18.18 -14.00 4.94
N TYR A 158 17.41 -14.91 5.53
CA TYR A 158 16.00 -14.64 5.88
C TYR A 158 15.80 -13.96 7.24
N ARG A 159 16.56 -14.35 8.25
CA ARG A 159 16.42 -13.76 9.56
C ARG A 159 17.15 -12.43 9.62
N GLN A 160 18.32 -12.36 8.99
CA GLN A 160 19.11 -11.14 8.95
C GLN A 160 19.26 -10.60 7.54
N ARG A 161 18.10 -10.28 6.95
CA ARG A 161 18.07 -9.74 5.59
C ARG A 161 19.01 -8.57 5.31
N TYR A 162 19.29 -7.73 6.32
CA TYR A 162 20.17 -6.58 6.09
C TYR A 162 21.54 -7.06 5.68
N LEU A 163 21.97 -8.19 6.25
CA LEU A 163 23.25 -8.80 5.84
C LEU A 163 23.27 -9.25 4.40
N ASP A 164 22.23 -9.98 4.01
CA ASP A 164 21.98 -10.41 2.63
C ASP A 164 22.10 -9.25 1.66
N LEU A 165 21.40 -8.14 1.93
CA LEU A 165 21.36 -6.99 1.06
C LEU A 165 22.74 -6.35 0.90
N LEU A 166 23.55 -6.30 1.97
CA LEU A 166 24.89 -5.75 1.89
C LEU A 166 25.86 -6.67 1.17
N ILE A 167 25.78 -7.98 1.40
CA ILE A 167 26.80 -8.87 0.90
C ILE A 167 26.53 -9.37 -0.52
N ASN A 168 25.30 -9.78 -0.86
CA ASN A 168 24.96 -10.36 -2.15
C ASN A 168 24.37 -9.36 -3.14
N GLU A 169 25.10 -9.03 -4.22
CA GLU A 169 24.61 -8.02 -5.18
C GLU A 169 23.30 -8.45 -5.78
N SER A 170 23.09 -9.76 -5.91
CA SER A 170 21.89 -10.25 -6.58
C SER A 170 20.65 -10.06 -5.74
N SER A 171 20.83 -10.20 -4.43
CA SER A 171 19.72 -10.04 -3.49
C SER A 171 19.09 -8.64 -3.64
N ARG A 172 19.91 -7.63 -3.67
CA ARG A 172 19.41 -6.29 -3.86
C ARG A 172 18.67 -6.18 -5.20
N HIS A 173 19.24 -6.74 -6.27
CA HIS A 173 18.63 -6.70 -7.63
C HIS A 173 17.26 -7.34 -7.64
N THR A 174 17.10 -8.43 -6.91
CA THR A 174 15.80 -9.10 -6.78
C THR A 174 14.76 -8.12 -6.22
N PHE A 175 15.12 -7.42 -5.15
CA PHE A 175 14.15 -6.52 -4.51
C PHE A 175 13.89 -5.26 -5.27
N VAL A 176 14.84 -4.77 -6.06
CA VAL A 176 14.56 -3.62 -6.96
C VAL A 176 13.56 -4.04 -8.02
N THR A 177 13.80 -5.19 -8.63
CA THR A 177 12.85 -5.77 -9.62
C THR A 177 11.47 -5.81 -8.96
N ARG A 178 11.41 -6.25 -7.71
CA ARG A 178 10.11 -6.40 -7.08
C ARG A 178 9.37 -5.10 -7.10
N THR A 179 10.01 -4.04 -6.66
CA THR A 179 9.35 -2.74 -6.54
C THR A 179 9.00 -2.16 -7.93
N LYS A 180 9.84 -2.48 -8.92
CA LYS A 180 9.57 -2.13 -10.29
C LYS A 180 8.33 -2.85 -10.81
N ILE A 181 8.27 -4.16 -10.61
CA ILE A 181 7.08 -4.93 -11.01
C ILE A 181 5.84 -4.27 -10.43
N ILE A 182 5.83 -3.99 -9.13
CA ILE A 182 4.67 -3.35 -8.53
C ILE A 182 4.41 -1.95 -9.08
N ASN A 183 5.46 -1.19 -9.39
CA ASN A 183 5.26 0.11 -10.03
C ASN A 183 4.68 0.01 -11.41
N PHE A 184 5.08 -1.00 -12.16
CA PHE A 184 4.59 -1.17 -13.53
C PHE A 184 3.10 -1.46 -13.56
N LEU A 185 2.71 -2.36 -12.68
CA LEU A 185 1.31 -2.77 -12.52
C LEU A 185 0.47 -1.58 -12.12
N ARG A 186 0.89 -0.89 -11.07
CA ARG A 186 0.19 0.27 -10.63
C ARG A 186 -0.01 1.27 -11.79
N ASN A 187 1.02 1.52 -12.57
CA ASN A 187 0.88 2.46 -13.68
C ASN A 187 0.08 1.85 -14.82
N PHE A 188 0.24 0.55 -15.02
CA PHE A 188 -0.52 -0.10 -16.07
C PHE A 188 -2.01 0.11 -15.85
N LEU A 189 -2.46 -0.06 -14.61
CA LEU A 189 -3.86 0.15 -14.28
C LEU A 189 -4.25 1.63 -14.26
N ASN A 190 -3.35 2.49 -13.79
CA ASN A 190 -3.65 3.92 -13.70
C ASN A 190 -3.86 4.48 -15.08
N GLU A 191 -2.99 4.10 -16.03
CA GLU A 191 -3.14 4.50 -17.43
C GLU A 191 -4.49 4.08 -17.98
N ARG A 192 -5.02 2.95 -17.53
CA ARG A 192 -6.29 2.44 -18.05
C ARG A 192 -7.47 2.90 -17.23
N GLY A 193 -7.26 3.89 -16.36
CA GLY A 193 -8.37 4.53 -15.65
C GLY A 193 -8.84 3.86 -14.38
N PHE A 194 -8.09 2.88 -13.89
CA PHE A 194 -8.40 2.25 -12.62
C PHE A 194 -8.08 3.15 -11.44
N PHE A 195 -8.92 3.09 -10.42
CA PHE A 195 -8.80 3.92 -9.27
C PHE A 195 -8.36 3.05 -8.05
N GLU A 196 -7.27 3.39 -7.38
CA GLU A 196 -6.73 2.60 -6.26
C GLU A 196 -7.40 2.93 -4.94
N VAL A 197 -7.67 1.91 -4.16
CA VAL A 197 -8.33 2.08 -2.88
C VAL A 197 -7.73 1.17 -1.83
N GLU A 198 -8.10 1.40 -0.58
CA GLU A 198 -7.76 0.51 0.53
C GLU A 198 -9.01 -0.03 1.12
N THR A 199 -9.10 -1.33 1.31
CA THR A 199 -10.25 -1.93 1.99
C THR A 199 -9.78 -2.41 3.34
N PRO A 200 -10.70 -2.82 4.21
CA PRO A 200 -10.23 -3.23 5.54
C PRO A 200 -9.52 -4.59 5.58
N MET A 201 -8.55 -4.68 6.49
CA MET A 201 -7.83 -5.89 6.76
C MET A 201 -8.55 -6.76 7.78
N MET A 202 -9.45 -6.19 8.58
CA MET A 202 -10.08 -6.91 9.69
C MET A 202 -11.55 -6.72 9.45
N ASN A 203 -12.32 -7.82 9.54
CA ASN A 203 -13.69 -7.83 9.11
C ASN A 203 -14.41 -8.80 10.00
N LEU A 204 -15.73 -8.72 10.05
CA LEU A 204 -16.47 -9.70 10.82
C LEU A 204 -16.52 -11.03 10.06
N ILE A 205 -16.87 -10.99 8.78
CA ILE A 205 -16.86 -12.19 7.93
C ILE A 205 -15.52 -12.17 7.20
N ALA A 206 -15.09 -13.31 6.68
CA ALA A 206 -13.83 -13.44 5.99
C ALA A 206 -13.98 -14.19 4.65
N GLY A 207 -14.62 -13.54 3.67
CA GLY A 207 -14.87 -14.17 2.38
C GLY A 207 -13.84 -13.84 1.33
N GLY A 208 -14.10 -14.31 0.11
CA GLY A 208 -13.31 -13.92 -1.03
C GLY A 208 -12.51 -15.04 -1.63
N ALA A 209 -12.30 -16.11 -0.86
CA ALA A 209 -11.57 -17.29 -1.32
C ALA A 209 -11.76 -18.40 -0.31
N ASN A 210 -11.24 -19.59 -0.60
CA ASN A 210 -11.48 -20.76 0.28
C ASN A 210 -10.23 -21.01 1.08
N ALA A 211 -10.14 -20.37 2.23
CA ALA A 211 -8.93 -20.44 3.02
C ALA A 211 -9.26 -20.17 4.51
N ARG A 212 -8.62 -20.93 5.38
CA ARG A 212 -8.73 -20.73 6.82
C ARG A 212 -8.09 -19.38 7.10
N PRO A 213 -8.73 -18.56 7.94
CA PRO A 213 -8.28 -17.20 8.25
C PRO A 213 -7.58 -17.12 9.60
N PHE A 214 -6.75 -16.10 9.78
CA PHE A 214 -6.26 -15.65 11.08
C PHE A 214 -7.37 -14.88 11.76
N ILE A 215 -7.31 -14.84 13.07
CA ILE A 215 -8.34 -14.18 13.83
C ILE A 215 -7.72 -13.44 15.01
N THR A 216 -8.34 -12.32 15.38
CA THR A 216 -7.72 -11.43 16.35
C THR A 216 -8.85 -10.80 17.12
N HIS A 217 -8.55 -9.96 18.09
CA HIS A 217 -9.58 -9.44 18.97
C HIS A 217 -9.36 -7.97 19.20
N HIS A 218 -10.42 -7.18 19.13
CA HIS A 218 -10.35 -5.78 19.52
C HIS A 218 -10.92 -5.63 20.95
N ASN A 219 -10.17 -5.02 21.83
CA ASN A 219 -10.51 -5.04 23.25
C ASN A 219 -11.65 -4.11 23.61
N ASP A 220 -11.53 -2.87 23.19
CA ASP A 220 -12.45 -1.80 23.61
C ASP A 220 -13.87 -2.05 23.02
N LEU A 221 -13.95 -2.71 21.87
CA LEU A 221 -15.23 -3.11 21.27
C LEU A 221 -15.65 -4.53 21.65
N ASP A 222 -14.79 -5.24 22.37
CA ASP A 222 -14.96 -6.65 22.72
C ASP A 222 -15.49 -7.50 21.57
N LEU A 223 -14.71 -7.58 20.50
CA LEU A 223 -15.18 -8.14 19.24
C LEU A 223 -14.05 -8.96 18.61
N ASP A 224 -14.39 -10.13 18.08
CA ASP A 224 -13.39 -10.91 17.32
C ASP A 224 -13.45 -10.52 15.85
N LEU A 225 -12.29 -10.58 15.21
CA LEU A 225 -12.16 -10.14 13.84
C LEU A 225 -11.27 -11.08 13.12
N TYR A 226 -11.52 -11.19 11.82
CA TYR A 226 -10.75 -12.05 10.92
C TYR A 226 -9.85 -11.18 10.07
N LEU A 227 -8.62 -11.59 9.89
CA LEU A 227 -7.79 -10.91 8.90
C LEU A 227 -8.20 -11.39 7.52
N ARG A 228 -8.28 -10.44 6.62
CA ARG A 228 -8.84 -10.64 5.31
C ARG A 228 -8.03 -11.71 4.57
N ILE A 229 -8.74 -12.60 3.86
CA ILE A 229 -8.12 -13.63 3.05
C ILE A 229 -8.10 -13.24 1.56
N ALA A 230 -8.69 -12.08 1.25
CA ALA A 230 -8.84 -11.59 -0.10
C ALA A 230 -9.51 -10.22 -0.06
N THR A 231 -9.49 -9.48 -1.16
CA THR A 231 -10.14 -8.16 -1.22
C THR A 231 -11.41 -8.12 -2.09
N GLU A 232 -11.80 -9.28 -2.60
CA GLU A 232 -12.92 -9.40 -3.54
C GLU A 232 -14.24 -8.75 -3.13
N LEU A 233 -14.73 -9.08 -1.94
CA LEU A 233 -16.08 -8.67 -1.59
C LEU A 233 -16.18 -7.14 -1.43
N PRO A 234 -15.28 -6.53 -0.63
CA PRO A 234 -15.43 -5.08 -0.55
C PRO A 234 -15.18 -4.36 -1.86
N LEU A 235 -14.28 -4.86 -2.69
CA LEU A 235 -14.06 -4.20 -3.98
C LEU A 235 -15.29 -4.26 -4.89
N LYS A 236 -16.04 -5.35 -4.90
CA LYS A 236 -17.30 -5.34 -5.66
C LYS A 236 -18.28 -4.31 -5.12
N MET A 237 -18.23 -4.05 -3.84
CA MET A 237 -19.16 -3.13 -3.25
C MET A 237 -18.93 -1.76 -3.79
N LEU A 238 -17.66 -1.47 -4.08
CA LEU A 238 -17.26 -0.23 -4.67
C LEU A 238 -17.72 -0.12 -6.13
N ILE A 239 -17.69 -1.23 -6.85
CA ILE A 239 -18.31 -1.29 -8.18
C ILE A 239 -19.81 -0.93 -8.12
N VAL A 240 -20.54 -1.47 -7.15
CA VAL A 240 -21.92 -1.06 -6.90
C VAL A 240 -21.96 0.46 -6.56
N GLY A 241 -21.03 0.89 -5.72
CA GLY A 241 -20.91 2.30 -5.37
C GLY A 241 -20.50 3.22 -6.51
N GLY A 242 -20.22 2.66 -7.68
CA GLY A 242 -20.09 3.46 -8.88
C GLY A 242 -18.64 3.74 -9.27
N ILE A 243 -17.70 3.07 -8.64
CA ILE A 243 -16.33 3.17 -9.07
C ILE A 243 -16.15 2.04 -10.04
N ASP A 244 -16.29 2.37 -11.32
CA ASP A 244 -16.36 1.39 -12.39
C ASP A 244 -15.08 0.61 -12.62
N LYS A 245 -13.93 1.22 -12.36
CA LYS A 245 -12.64 0.56 -12.44
C LYS A 245 -11.86 0.81 -11.16
N VAL A 246 -11.69 -0.21 -10.35
CA VAL A 246 -11.22 -0.07 -8.99
C VAL A 246 -10.17 -1.16 -8.75
N TYR A 247 -9.16 -0.85 -7.93
CA TYR A 247 -8.21 -1.89 -7.53
C TYR A 247 -7.51 -1.68 -6.23
N GLU A 248 -6.83 -2.72 -5.83
CA GLU A 248 -6.09 -2.70 -4.59
C GLU A 248 -4.93 -3.61 -4.72
N ILE A 249 -3.76 -3.13 -4.27
CA ILE A 249 -2.57 -3.95 -4.14
C ILE A 249 -2.29 -4.04 -2.64
N GLY A 250 -2.07 -5.22 -2.10
CA GLY A 250 -1.94 -5.30 -0.65
C GLY A 250 -1.86 -6.68 -0.09
N LYS A 251 -1.49 -6.76 1.17
CA LYS A 251 -1.30 -8.02 1.85
C LYS A 251 -2.62 -8.71 2.04
N VAL A 252 -2.64 -10.03 1.89
CA VAL A 252 -3.77 -10.82 2.37
C VAL A 252 -3.24 -11.91 3.29
N PHE A 253 -4.09 -12.52 4.07
CA PHE A 253 -3.60 -13.40 5.10
C PHE A 253 -4.33 -14.72 5.06
N ARG A 254 -3.59 -15.80 4.90
CA ARG A 254 -4.17 -17.13 4.91
C ARG A 254 -3.44 -17.98 5.92
N ASN A 255 -4.22 -18.57 6.81
CA ASN A 255 -3.68 -19.38 7.86
C ASN A 255 -3.59 -20.82 7.40
N GLU A 256 -2.69 -21.07 6.47
CA GLU A 256 -2.42 -22.42 6.00
C GLU A 256 -0.91 -22.55 6.02
N GLY A 257 -0.39 -23.77 5.82
CA GLY A 257 1.03 -24.07 5.98
C GLY A 257 1.99 -23.30 5.07
N ILE A 258 3.27 -23.31 5.42
CA ILE A 258 4.28 -22.50 4.75
C ILE A 258 5.14 -23.43 3.91
N ASP A 259 5.49 -23.01 2.70
CA ASP A 259 6.50 -23.72 1.90
C ASP A 259 7.06 -22.82 0.82
N ASN A 260 7.79 -23.37 -0.15
CA ASN A 260 8.37 -22.60 -1.27
C ASN A 260 7.45 -21.64 -2.03
N THR A 261 6.16 -21.94 -2.03
CA THR A 261 5.23 -21.11 -2.79
C THR A 261 4.09 -20.62 -1.90
N HIS A 262 4.31 -20.60 -0.59
CA HIS A 262 3.32 -20.10 0.36
C HIS A 262 3.97 -19.37 1.53
N ASN A 263 3.48 -18.16 1.76
CA ASN A 263 3.84 -17.39 2.92
C ASN A 263 2.54 -16.87 3.52
N PRO A 264 2.39 -16.98 4.85
CA PRO A 264 1.10 -16.68 5.45
C PRO A 264 0.60 -15.27 5.17
N GLU A 265 1.48 -14.33 4.93
CA GLU A 265 1.04 -13.09 4.36
C GLU A 265 1.69 -12.93 2.99
N PHE A 266 0.88 -12.61 1.99
CA PHE A 266 1.42 -12.31 0.68
C PHE A 266 0.73 -11.12 0.05
N THR A 267 1.28 -10.66 -1.03
CA THR A 267 0.85 -9.43 -1.67
C THR A 267 0.08 -9.76 -2.89
N SER A 268 -1.14 -9.26 -2.94
CA SER A 268 -1.99 -9.57 -4.06
C SER A 268 -2.41 -8.29 -4.69
N CYS A 269 -2.97 -8.40 -5.88
CA CYS A 269 -3.64 -7.30 -6.50
C CYS A 269 -4.94 -7.84 -7.04
N GLU A 270 -6.03 -7.15 -6.74
CA GLU A 270 -7.29 -7.46 -7.36
C GLU A 270 -7.76 -6.20 -7.99
N PHE A 271 -8.36 -6.33 -9.17
CA PHE A 271 -9.08 -5.25 -9.80
C PHE A 271 -10.43 -5.76 -10.25
N TYR A 272 -11.39 -4.86 -10.27
CA TYR A 272 -12.69 -5.14 -10.83
C TYR A 272 -13.01 -4.07 -11.87
N TRP A 273 -13.67 -4.50 -12.94
CA TRP A 273 -13.81 -3.70 -14.14
C TRP A 273 -15.23 -3.84 -14.60
N ALA A 274 -16.05 -2.85 -14.30
CA ALA A 274 -17.44 -2.86 -14.72
C ALA A 274 -17.58 -2.90 -16.26
N TYR A 275 -18.55 -3.66 -16.73
CA TYR A 275 -18.84 -3.80 -18.15
C TYR A 275 -17.82 -4.67 -18.90
N ALA A 276 -17.13 -5.49 -18.16
CA ALA A 276 -16.18 -6.40 -18.71
C ALA A 276 -16.54 -7.83 -18.39
N ASP A 277 -15.86 -8.75 -19.02
CA ASP A 277 -16.08 -10.17 -18.80
C ASP A 277 -14.82 -10.99 -18.99
N TYR A 278 -14.95 -12.29 -19.03
CA TYR A 278 -13.80 -13.16 -19.14
C TYR A 278 -12.92 -12.89 -20.34
N ASN A 279 -13.48 -12.56 -21.49
CA ASN A 279 -12.66 -12.29 -22.65
C ASN A 279 -11.77 -11.07 -22.52
N ASP A 280 -12.29 -10.01 -21.94
CA ASP A 280 -11.50 -8.84 -21.70
C ASP A 280 -10.40 -9.22 -20.70
N LEU A 281 -10.76 -10.00 -19.67
CA LEU A 281 -9.80 -10.44 -18.67
C LEU A 281 -8.68 -11.20 -19.29
N ILE A 282 -8.99 -12.06 -20.24
CA ILE A 282 -7.94 -12.76 -20.99
C ILE A 282 -7.06 -11.78 -21.78
N LYS A 283 -7.64 -10.78 -22.44
CA LYS A 283 -6.85 -9.88 -23.26
C LYS A 283 -5.96 -9.03 -22.35
N TRP A 284 -6.50 -8.59 -21.24
CA TRP A 284 -5.73 -7.83 -20.25
C TRP A 284 -4.53 -8.63 -19.72
N SER A 285 -4.77 -9.87 -19.31
CA SER A 285 -3.71 -10.74 -18.83
C SER A 285 -2.60 -10.91 -19.83
N GLU A 286 -2.94 -11.06 -21.10
CA GLU A 286 -1.90 -11.28 -22.11
C GLU A 286 -1.15 -9.98 -22.40
N ASP A 287 -1.81 -8.84 -22.31
CA ASP A 287 -1.13 -7.57 -22.49
C ASP A 287 -0.25 -7.28 -21.31
N PHE A 288 -0.76 -7.52 -20.11
CA PHE A 288 0.00 -7.19 -18.91
C PHE A 288 1.30 -7.99 -18.82
N PHE A 289 1.23 -9.30 -18.97
CA PHE A 289 2.43 -10.10 -18.83
C PHE A 289 3.44 -9.86 -19.94
N SER A 290 2.98 -9.93 -21.19
CA SER A 290 3.89 -9.63 -22.29
C SER A 290 4.52 -8.25 -22.12
N GLN A 291 3.76 -7.24 -21.72
CA GLN A 291 4.32 -5.90 -21.54
C GLN A 291 5.27 -5.78 -20.36
N LEU A 292 4.90 -6.37 -19.23
CA LEU A 292 5.75 -6.36 -18.05
C LEU A 292 7.11 -6.97 -18.34
N VAL A 293 7.10 -8.12 -18.99
CA VAL A 293 8.36 -8.82 -19.25
C VAL A 293 9.24 -8.10 -20.24
N TYR A 294 8.65 -7.52 -21.26
CA TYR A 294 9.39 -6.68 -22.18
C TYR A 294 9.98 -5.49 -21.41
N HIS A 295 9.18 -4.90 -20.55
CA HIS A 295 9.61 -3.72 -19.82
C HIS A 295 10.79 -4.00 -18.93
N LEU A 296 10.91 -5.23 -18.44
CA LEU A 296 12.08 -5.60 -17.64
C LEU A 296 13.27 -6.18 -18.44
N PHE A 297 13.04 -6.81 -19.57
CA PHE A 297 14.15 -7.52 -20.20
C PHE A 297 14.44 -7.11 -21.63
N GLY A 298 13.55 -6.34 -22.25
CA GLY A 298 13.65 -5.99 -23.67
C GLY A 298 13.29 -7.15 -24.57
N THR A 299 12.62 -8.16 -24.02
CA THR A 299 12.23 -9.36 -24.77
C THR A 299 11.07 -10.05 -24.06
N TYR A 300 10.48 -11.03 -24.75
CA TYR A 300 9.34 -11.78 -24.22
C TYR A 300 9.74 -13.14 -23.73
N LYS A 301 10.93 -13.62 -24.11
CA LYS A 301 11.43 -14.90 -23.58
C LYS A 301 12.33 -14.55 -22.38
N ILE A 302 12.05 -15.17 -21.22
CA ILE A 302 12.90 -15.14 -20.05
C ILE A 302 13.41 -16.59 -19.84
N SER A 303 14.52 -16.75 -19.12
CA SER A 303 15.01 -18.08 -18.72
C SER A 303 14.73 -18.25 -17.23
N TYR A 304 14.45 -19.48 -16.81
CA TYR A 304 14.15 -19.77 -15.40
C TYR A 304 14.73 -21.11 -14.96
N ASN A 305 15.19 -21.17 -13.70
CA ASN A 305 15.81 -22.39 -13.15
C ASN A 305 14.85 -23.27 -12.33
N LYS A 306 13.85 -23.89 -13.00
CA LYS A 306 12.86 -24.79 -12.37
C LYS A 306 13.54 -25.92 -11.62
N ASN A 311 21.08 -28.09 -11.77
CA ASN A 311 20.23 -28.30 -12.95
C ASN A 311 20.19 -27.05 -13.88
N GLN A 312 19.70 -27.25 -15.12
CA GLN A 312 19.77 -26.28 -16.22
C GLN A 312 18.44 -25.56 -16.38
N PRO A 313 18.43 -24.29 -16.85
CA PRO A 313 17.19 -23.55 -16.96
C PRO A 313 16.27 -23.95 -18.12
N ILE A 314 15.08 -23.37 -18.17
CA ILE A 314 14.11 -23.53 -19.26
C ILE A 314 13.74 -22.14 -19.74
N GLU A 315 13.30 -22.00 -20.99
CA GLU A 315 12.83 -20.73 -21.48
C GLU A 315 11.33 -20.66 -21.36
N ILE A 316 10.83 -19.61 -20.73
CA ILE A 316 9.43 -19.35 -20.70
C ILE A 316 9.16 -18.24 -21.70
N ASP A 317 8.29 -18.51 -22.67
CA ASP A 317 7.98 -17.52 -23.69
C ASP A 317 6.64 -16.84 -23.38
N PHE A 318 6.70 -15.55 -23.10
CA PHE A 318 5.52 -14.77 -22.74
C PHE A 318 4.88 -14.09 -23.92
N THR A 319 5.31 -14.42 -25.13
CA THR A 319 4.65 -13.94 -26.33
C THR A 319 3.21 -14.42 -26.41
N PRO A 320 2.28 -13.46 -26.46
CA PRO A 320 0.87 -13.83 -26.60
C PRO A 320 0.49 -14.25 -28.01
N PRO A 321 -0.62 -14.97 -28.17
CA PRO A 321 -1.56 -15.47 -27.16
C PRO A 321 -1.01 -16.66 -26.35
N TYR A 322 -1.72 -17.09 -25.32
CA TYR A 322 -1.34 -18.25 -24.54
C TYR A 322 -2.38 -19.31 -24.70
N PRO A 323 -2.02 -20.54 -24.36
CA PRO A 323 -3.01 -21.59 -24.45
C PRO A 323 -4.14 -21.44 -23.42
N LYS A 324 -5.34 -21.84 -23.83
CA LYS A 324 -6.54 -21.83 -23.00
C LYS A 324 -7.11 -23.24 -22.93
N VAL A 325 -6.83 -23.94 -21.85
CA VAL A 325 -7.29 -25.31 -21.69
C VAL A 325 -8.56 -25.33 -20.85
N SER A 326 -9.63 -25.81 -21.42
CA SER A 326 -10.87 -26.02 -20.68
C SER A 326 -10.86 -27.25 -19.76
N ILE A 327 -10.89 -27.01 -18.47
CA ILE A 327 -10.65 -28.02 -17.45
C ILE A 327 -11.53 -29.27 -17.53
N VAL A 328 -12.83 -29.17 -17.79
CA VAL A 328 -13.64 -30.41 -18.00
C VAL A 328 -13.33 -31.07 -19.35
N GLU A 329 -13.43 -30.30 -20.43
CA GLU A 329 -13.21 -30.86 -21.78
C GLU A 329 -11.81 -31.50 -21.90
N GLU A 330 -10.81 -31.04 -21.13
CA GLU A 330 -9.44 -31.62 -21.17
C GLU A 330 -9.27 -32.90 -20.33
N ILE A 331 -9.84 -32.96 -19.13
CA ILE A 331 -9.83 -34.21 -18.36
C ILE A 331 -10.61 -35.31 -19.09
N GLU A 332 -11.77 -34.95 -19.62
CA GLU A 332 -12.58 -35.89 -20.42
C GLU A 332 -11.84 -36.35 -21.68
N LYS A 333 -11.11 -35.41 -22.28
CA LYS A 333 -10.29 -35.71 -23.46
C LYS A 333 -9.24 -36.74 -23.07
N VAL A 334 -8.35 -36.43 -22.13
CA VAL A 334 -7.26 -37.34 -21.81
C VAL A 334 -7.71 -38.63 -21.14
N THR A 335 -8.81 -38.62 -20.40
CA THR A 335 -9.26 -39.86 -19.74
C THR A 335 -10.33 -40.64 -20.54
N ASN A 336 -10.77 -40.08 -21.67
CA ASN A 336 -11.72 -40.73 -22.58
C ASN A 336 -13.08 -41.08 -21.97
N THR A 337 -13.45 -40.35 -20.90
CA THR A 337 -14.66 -40.60 -20.10
C THR A 337 -15.50 -39.33 -19.96
N ILE A 338 -16.82 -39.45 -20.05
CA ILE A 338 -17.73 -38.31 -19.82
C ILE A 338 -18.03 -38.21 -18.34
N LEU A 339 -18.03 -36.98 -17.87
CA LEU A 339 -18.53 -36.61 -16.55
C LEU A 339 -19.69 -35.64 -16.73
N GLU A 340 -20.91 -36.13 -16.59
CA GLU A 340 -22.11 -35.31 -16.84
C GLU A 340 -22.18 -34.20 -15.81
N GLN A 341 -22.76 -33.09 -16.26
CA GLN A 341 -22.63 -31.75 -15.64
C GLN A 341 -23.06 -31.60 -14.19
N PRO A 342 -24.00 -32.45 -13.68
CA PRO A 342 -24.15 -32.47 -12.20
C PRO A 342 -22.94 -33.14 -11.48
N PHE A 343 -21.83 -32.40 -11.36
CA PHE A 343 -20.55 -32.91 -10.87
C PHE A 343 -20.56 -33.38 -9.42
N ASP A 344 -21.39 -32.78 -8.57
CA ASP A 344 -21.52 -33.26 -7.19
C ASP A 344 -22.53 -34.40 -7.04
N SER A 345 -23.12 -34.84 -8.13
CA SER A 345 -23.97 -36.04 -8.11
C SER A 345 -23.15 -37.26 -7.77
N ASN A 346 -23.79 -38.29 -7.23
CA ASN A 346 -23.08 -39.50 -6.80
C ASN A 346 -22.42 -40.22 -7.99
N GLU A 347 -23.16 -40.35 -9.10
CA GLU A 347 -22.68 -41.04 -10.30
C GLU A 347 -21.40 -40.40 -10.92
N THR A 348 -21.28 -39.07 -10.88
CA THR A 348 -20.09 -38.39 -11.41
C THR A 348 -18.95 -38.39 -10.41
N ILE A 349 -19.25 -38.07 -9.15
CA ILE A 349 -18.27 -38.16 -8.07
C ILE A 349 -17.60 -39.55 -8.06
N GLU A 350 -18.38 -40.59 -8.31
CA GLU A 350 -17.85 -41.95 -8.32
C GLU A 350 -16.95 -42.16 -9.54
N LYS A 351 -17.48 -41.78 -10.70
CA LYS A 351 -16.80 -41.97 -11.98
C LYS A 351 -15.44 -41.27 -11.98
N MET A 352 -15.28 -40.26 -11.13
CA MET A 352 -13.94 -39.70 -10.86
C MET A 352 -13.14 -40.63 -9.94
N ILE A 353 -13.73 -40.99 -8.80
CA ILE A 353 -13.01 -41.75 -7.75
C ILE A 353 -12.94 -43.22 -8.12
N PRO A 367 -13.18 -35.00 0.90
CA PRO A 367 -13.15 -35.70 -0.40
C PRO A 367 -14.40 -35.48 -1.26
N THR A 368 -14.88 -34.24 -1.24
CA THR A 368 -16.00 -33.76 -2.06
C THR A 368 -15.59 -33.45 -3.51
N ALA A 369 -16.59 -33.20 -4.38
CA ALA A 369 -16.37 -32.96 -5.81
C ALA A 369 -15.43 -31.80 -6.08
N ALA A 370 -15.47 -30.73 -5.29
CA ALA A 370 -14.55 -29.63 -5.51
C ALA A 370 -13.11 -30.10 -5.33
N LYS A 371 -12.81 -30.80 -4.24
CA LYS A 371 -11.45 -31.32 -3.99
C LYS A 371 -11.01 -32.46 -4.95
N LEU A 372 -11.96 -33.21 -5.50
CA LEU A 372 -11.64 -34.26 -6.50
C LEU A 372 -11.20 -33.66 -7.83
N LEU A 373 -11.91 -32.62 -8.23
CA LEU A 373 -11.59 -31.86 -9.43
C LEU A 373 -10.27 -31.16 -9.26
N ASP A 374 -10.03 -30.63 -8.07
CA ASP A 374 -8.78 -29.96 -7.77
C ASP A 374 -7.59 -30.90 -7.94
N GLN A 375 -7.71 -32.12 -7.41
CA GLN A 375 -6.62 -33.15 -7.54
C GLN A 375 -6.45 -33.66 -8.97
N LEU A 376 -7.54 -34.09 -9.60
CA LEU A 376 -7.55 -34.44 -11.04
C LEU A 376 -6.90 -33.32 -11.91
N ALA A 377 -7.32 -32.06 -11.74
CA ALA A 377 -6.68 -30.93 -12.43
C ALA A 377 -5.21 -30.79 -12.05
N SER A 378 -4.95 -30.88 -10.74
CA SER A 378 -3.61 -30.69 -10.19
C SER A 378 -2.64 -31.78 -10.60
N HIS A 379 -3.15 -32.93 -11.05
CA HIS A 379 -2.30 -33.95 -11.63
C HIS A 379 -2.29 -33.80 -13.15
N PHE A 380 -3.40 -34.05 -13.79
CA PHE A 380 -3.39 -34.24 -15.25
C PHE A 380 -3.36 -32.94 -16.05
N ILE A 381 -3.54 -31.75 -15.45
CA ILE A 381 -3.60 -30.53 -16.28
C ILE A 381 -2.60 -29.41 -15.92
N GLU A 382 -2.35 -29.16 -14.63
CA GLU A 382 -1.55 -27.98 -14.23
C GLU A 382 -0.11 -27.91 -14.74
N ASN A 383 0.41 -29.00 -15.30
CA ASN A 383 1.77 -29.01 -15.88
C ASN A 383 1.81 -29.39 -17.38
N LYS A 384 0.68 -29.24 -18.06
CA LYS A 384 0.58 -29.38 -19.52
C LYS A 384 1.62 -28.54 -20.31
N TYR A 385 1.95 -27.35 -19.81
CA TYR A 385 3.00 -26.52 -20.40
C TYR A 385 3.96 -26.02 -19.30
N ASN A 386 5.23 -25.96 -19.68
CA ASN A 386 6.27 -25.34 -18.87
C ASN A 386 6.97 -24.22 -19.64
N ASP A 387 6.89 -24.23 -20.97
CA ASP A 387 7.64 -23.27 -21.80
C ASP A 387 6.83 -22.03 -22.21
N LYS A 388 5.57 -21.94 -21.77
CA LYS A 388 4.80 -20.70 -21.88
C LYS A 388 3.82 -20.64 -20.71
N PRO A 389 3.43 -19.42 -20.30
CA PRO A 389 2.38 -19.37 -19.31
C PRO A 389 1.09 -19.81 -20.03
N PHE A 390 0.07 -20.29 -19.31
CA PHE A 390 -1.15 -20.72 -19.98
C PHE A 390 -2.36 -20.66 -19.07
N PHE A 391 -3.54 -20.70 -19.68
CA PHE A 391 -4.79 -20.57 -18.95
C PHE A 391 -5.54 -21.87 -18.82
N ILE A 392 -6.05 -22.12 -17.63
CA ILE A 392 -7.08 -23.12 -17.39
C ILE A 392 -8.39 -22.38 -17.27
N VAL A 393 -9.35 -22.72 -18.11
CA VAL A 393 -10.60 -21.94 -18.17
C VAL A 393 -11.85 -22.78 -17.91
N GLU A 394 -12.93 -22.09 -17.56
CA GLU A 394 -14.26 -22.66 -17.53
C GLU A 394 -14.48 -23.66 -16.41
N HIS A 395 -14.04 -23.31 -15.20
CA HIS A 395 -14.12 -24.20 -14.03
C HIS A 395 -15.59 -24.37 -13.65
N PRO A 396 -15.95 -25.54 -13.11
CA PRO A 396 -17.29 -25.78 -12.62
C PRO A 396 -17.76 -24.82 -11.60
N GLN A 397 -19.07 -24.54 -11.56
CA GLN A 397 -19.68 -23.66 -10.52
C GLN A 397 -19.33 -24.12 -9.11
N ILE A 398 -19.30 -25.43 -8.88
CA ILE A 398 -19.02 -25.99 -7.57
C ILE A 398 -17.58 -25.69 -7.04
N MET A 399 -16.69 -25.21 -7.91
CA MET A 399 -15.35 -24.75 -7.52
C MET A 399 -15.26 -23.25 -7.43
N SER A 400 -16.29 -22.55 -7.87
CA SER A 400 -16.17 -21.12 -8.25
C SER A 400 -17.38 -20.28 -7.79
N PRO A 401 -17.69 -20.30 -6.49
CA PRO A 401 -18.97 -19.79 -6.01
C PRO A 401 -19.30 -18.33 -6.30
N LEU A 402 -18.31 -17.53 -6.64
CA LEU A 402 -18.54 -16.10 -6.96
C LEU A 402 -18.41 -15.79 -8.47
N ALA A 403 -18.00 -16.79 -9.24
CA ALA A 403 -17.91 -16.63 -10.67
C ALA A 403 -19.28 -16.80 -11.28
N LYS A 404 -19.58 -15.97 -12.27
CA LYS A 404 -20.82 -16.10 -13.03
C LYS A 404 -20.95 -17.40 -13.86
N TYR A 405 -22.17 -17.91 -13.97
CA TYR A 405 -22.46 -19.12 -14.81
C TYR A 405 -22.09 -18.90 -16.27
N HIS A 406 -21.55 -19.93 -16.93
CA HIS A 406 -21.18 -19.83 -18.34
C HIS A 406 -22.40 -19.53 -19.17
N ARG A 407 -22.25 -18.60 -20.11
CA ARG A 407 -23.39 -18.22 -20.95
C ARG A 407 -23.93 -19.30 -21.90
N THR A 408 -23.18 -20.36 -22.15
CA THR A 408 -23.67 -21.48 -22.96
C THR A 408 -23.54 -22.87 -22.34
N LYS A 409 -22.76 -23.01 -21.27
CA LYS A 409 -22.34 -24.33 -20.77
C LYS A 409 -22.82 -24.59 -19.34
N PRO A 410 -23.99 -25.24 -19.21
CA PRO A 410 -24.58 -25.56 -17.92
C PRO A 410 -23.56 -26.22 -16.98
N GLY A 411 -23.53 -25.78 -15.74
CA GLY A 411 -22.62 -26.35 -14.74
C GLY A 411 -21.28 -25.61 -14.62
N LEU A 412 -20.94 -24.81 -15.62
CA LEU A 412 -19.64 -24.21 -15.69
C LEU A 412 -19.72 -22.71 -15.44
N THR A 413 -18.56 -22.08 -15.40
CA THR A 413 -18.42 -20.69 -15.09
C THR A 413 -17.42 -19.99 -16.00
N GLU A 414 -17.46 -18.68 -16.01
CA GLU A 414 -16.65 -17.93 -16.91
C GLU A 414 -15.42 -17.51 -16.15
N ARG A 415 -14.58 -18.49 -15.84
CA ARG A 415 -13.39 -18.32 -15.02
C ARG A 415 -12.12 -18.74 -15.76
N LEU A 416 -11.02 -18.11 -15.43
CA LEU A 416 -9.71 -18.41 -15.97
C LEU A 416 -8.69 -18.30 -14.83
N GLU A 417 -7.67 -19.14 -14.88
CA GLU A 417 -6.53 -19.05 -14.00
C GLU A 417 -5.30 -19.18 -14.85
N MET A 418 -4.35 -18.28 -14.68
CA MET A 418 -3.12 -18.43 -15.41
C MET A 418 -2.11 -19.13 -14.54
N PHE A 419 -1.29 -19.98 -15.19
CA PHE A 419 -0.24 -20.78 -14.56
C PHE A 419 1.10 -20.54 -15.23
N ILE A 420 2.14 -20.46 -14.40
CA ILE A 420 3.49 -20.40 -14.88
C ILE A 420 4.24 -21.49 -14.16
N CYS A 421 4.81 -22.43 -14.90
CA CYS A 421 5.53 -23.57 -14.32
C CYS A 421 4.74 -24.25 -13.22
N GLY A 422 3.47 -24.53 -13.47
CA GLY A 422 2.70 -25.37 -12.55
C GLY A 422 2.08 -24.63 -11.38
N LYS A 423 2.53 -23.42 -11.12
CA LYS A 423 1.95 -22.66 -10.05
C LYS A 423 0.98 -21.63 -10.58
N GLU A 424 -0.13 -21.49 -9.87
CA GLU A 424 -1.14 -20.48 -10.13
C GLU A 424 -0.65 -19.06 -9.73
N VAL A 425 -0.80 -18.11 -10.65
CA VAL A 425 -0.41 -16.71 -10.36
C VAL A 425 -1.48 -15.67 -10.65
N LEU A 426 -2.60 -16.10 -11.22
CA LEU A 426 -3.68 -15.19 -11.65
C LEU A 426 -4.95 -15.96 -11.73
N ASN A 427 -5.99 -15.39 -11.12
CA ASN A 427 -7.28 -16.01 -11.06
C ASN A 427 -8.30 -14.95 -11.38
N ALA A 428 -9.18 -15.21 -12.33
CA ALA A 428 -10.11 -14.19 -12.80
C ALA A 428 -11.38 -14.77 -13.32
N TYR A 429 -12.47 -14.03 -13.21
CA TYR A 429 -13.71 -14.45 -13.82
C TYR A 429 -14.68 -13.33 -14.10
N THR A 430 -15.69 -13.64 -14.91
CA THR A 430 -16.84 -12.78 -15.03
C THR A 430 -17.55 -12.93 -13.73
N GLU A 431 -17.86 -11.80 -13.08
CA GLU A 431 -18.39 -11.79 -11.71
C GLU A 431 -19.86 -12.12 -11.71
N LEU A 432 -20.24 -13.08 -10.89
CA LEU A 432 -21.65 -13.35 -10.62
C LEU A 432 -22.26 -12.13 -9.92
N ASN A 433 -23.26 -11.52 -10.58
CA ASN A 433 -23.90 -10.29 -10.11
C ASN A 433 -25.39 -10.38 -9.95
N ASP A 434 -25.87 -11.63 -9.99
CA ASP A 434 -27.25 -12.00 -9.75
C ASP A 434 -27.41 -12.35 -8.28
N PRO A 435 -28.09 -11.51 -7.51
CA PRO A 435 -28.13 -11.87 -6.12
C PRO A 435 -28.86 -13.17 -5.86
N PHE A 436 -29.64 -13.66 -6.80
CA PHE A 436 -30.42 -14.87 -6.57
C PHE A 436 -29.59 -16.13 -6.75
N LYS A 437 -28.86 -16.24 -7.86
CA LYS A 437 -28.00 -17.41 -8.10
C LYS A 437 -26.83 -17.47 -7.09
N GLN A 438 -26.70 -16.46 -6.24
CA GLN A 438 -25.63 -16.39 -5.26
C GLN A 438 -26.02 -16.80 -3.84
N LYS A 439 -27.15 -16.36 -3.29
CA LYS A 439 -27.50 -16.85 -1.92
C LYS A 439 -27.37 -18.38 -1.86
N GLU A 440 -27.54 -19.03 -3.02
CA GLU A 440 -27.52 -20.49 -3.12
C GLU A 440 -26.12 -21.04 -2.94
N CYS A 441 -25.13 -20.25 -3.35
CA CYS A 441 -23.76 -20.44 -2.87
C CYS A 441 -23.54 -19.59 -1.57
N PHE A 442 -24.59 -19.41 -0.74
CA PHE A 442 -24.54 -18.58 0.50
C PHE A 442 -24.97 -17.12 0.28
N SER A 461 -23.22 -10.74 4.00
CA SER A 461 -24.48 -10.06 4.38
C SER A 461 -24.47 -8.59 3.98
N ALA A 462 -23.49 -7.85 4.47
CA ALA A 462 -23.21 -6.54 3.88
C ALA A 462 -23.01 -6.69 2.37
N PHE A 463 -22.32 -7.77 2.02
CA PHE A 463 -22.01 -8.04 0.65
C PHE A 463 -23.23 -8.53 -0.10
N CYS A 464 -23.91 -9.49 0.52
CA CYS A 464 -25.12 -10.00 -0.08
C CYS A 464 -26.12 -8.88 -0.34
N THR A 465 -26.24 -7.95 0.60
CA THR A 465 -27.17 -6.84 0.46
C THR A 465 -26.79 -5.88 -0.68
N SER A 466 -25.51 -5.55 -0.80
CA SER A 466 -25.07 -4.72 -1.86
C SER A 466 -25.43 -5.31 -3.23
N LEU A 467 -25.39 -6.64 -3.37
CA LEU A 467 -25.73 -7.24 -4.66
C LEU A 467 -27.17 -6.91 -5.01
N GLU A 468 -27.99 -6.75 -4.01
CA GLU A 468 -29.37 -6.39 -4.23
C GLU A 468 -29.61 -4.96 -4.72
N TYR A 469 -28.59 -4.10 -4.60
CA TYR A 469 -28.63 -2.74 -5.17
C TYR A 469 -28.15 -2.68 -6.62
N GLY A 470 -27.73 -3.81 -7.17
CA GLY A 470 -27.35 -3.84 -8.57
C GLY A 470 -25.87 -3.74 -8.80
N LEU A 471 -25.25 -4.89 -9.02
CA LEU A 471 -23.88 -4.95 -9.45
C LEU A 471 -23.93 -5.01 -10.98
N PRO A 472 -23.24 -4.09 -11.67
CA PRO A 472 -23.26 -4.22 -13.13
C PRO A 472 -22.48 -5.45 -13.59
N PRO A 473 -22.71 -5.93 -14.82
CA PRO A 473 -21.78 -6.92 -15.36
C PRO A 473 -20.36 -6.36 -15.31
N THR A 474 -19.47 -7.21 -14.83
CA THR A 474 -18.19 -6.81 -14.31
C THR A 474 -17.29 -8.01 -14.50
N GLY A 475 -16.01 -7.72 -14.76
CA GLY A 475 -14.92 -8.66 -14.77
C GLY A 475 -13.98 -8.35 -13.62
N GLY A 476 -13.42 -9.40 -13.03
CA GLY A 476 -12.61 -9.29 -11.83
C GLY A 476 -11.37 -10.15 -11.96
N LEU A 477 -10.26 -9.69 -11.39
CA LEU A 477 -9.03 -10.36 -11.56
C LEU A 477 -8.12 -10.22 -10.36
N GLY A 478 -7.45 -11.32 -10.01
CA GLY A 478 -6.47 -11.37 -8.92
C GLY A 478 -5.09 -11.76 -9.41
N LEU A 479 -4.05 -11.25 -8.73
CA LEU A 479 -2.67 -11.60 -9.06
C LEU A 479 -1.91 -11.96 -7.80
N GLY A 480 -1.03 -12.97 -7.91
CA GLY A 480 0.01 -13.26 -6.92
C GLY A 480 1.34 -12.56 -7.20
N ILE A 481 1.54 -11.37 -6.62
CA ILE A 481 2.73 -10.56 -6.89
C ILE A 481 4.02 -11.23 -6.47
N ASP A 482 4.05 -11.86 -5.32
CA ASP A 482 5.23 -12.62 -4.90
C ASP A 482 5.58 -13.70 -5.89
N ARG A 483 4.61 -14.51 -6.26
CA ARG A 483 4.85 -15.59 -7.18
C ARG A 483 5.36 -15.07 -8.54
N ILE A 484 4.74 -14.01 -9.07
CA ILE A 484 5.19 -13.43 -10.30
C ILE A 484 6.64 -12.95 -10.20
N THR A 485 6.96 -12.34 -9.07
CA THR A 485 8.34 -11.91 -8.78
C THR A 485 9.34 -13.06 -8.81
N MET A 486 8.96 -14.19 -8.22
CA MET A 486 9.81 -15.38 -8.27
C MET A 486 10.28 -15.75 -9.69
N PHE A 487 9.33 -15.90 -10.63
CA PHE A 487 9.67 -16.25 -12.01
C PHE A 487 10.54 -15.16 -12.67
N LEU A 488 10.18 -13.91 -12.47
CA LEU A 488 10.89 -12.80 -13.07
C LEU A 488 12.20 -12.40 -12.37
N THR A 489 12.59 -13.11 -11.34
CA THR A 489 13.89 -12.88 -10.71
C THR A 489 14.56 -14.23 -10.48
N ASN A 490 14.15 -15.22 -11.25
CA ASN A 490 14.73 -16.54 -11.20
C ASN A 490 14.92 -17.08 -9.79
N LYS A 491 13.91 -16.96 -8.94
CA LYS A 491 14.00 -17.50 -7.59
C LYS A 491 13.19 -18.74 -7.49
N ASN A 492 13.56 -19.69 -6.64
CA ASN A 492 12.65 -20.83 -6.53
C ASN A 492 12.10 -21.05 -5.13
N SER A 493 12.17 -19.98 -4.33
CA SER A 493 11.32 -19.86 -3.15
C SER A 493 10.70 -18.47 -3.04
N ILE A 494 9.46 -18.45 -2.55
CA ILE A 494 8.79 -17.20 -2.23
C ILE A 494 9.54 -16.43 -1.16
N LYS A 495 10.26 -17.14 -0.29
CA LYS A 495 11.02 -16.51 0.79
C LYS A 495 12.13 -15.63 0.27
N ASP A 496 12.58 -15.86 -0.97
CA ASP A 496 13.63 -15.07 -1.61
C ASP A 496 13.16 -13.72 -2.13
N VAL A 497 11.85 -13.51 -2.28
CA VAL A 497 11.33 -12.24 -2.83
C VAL A 497 10.51 -11.48 -1.81
N ILE A 498 10.52 -11.94 -0.56
CA ILE A 498 9.87 -11.21 0.53
C ILE A 498 10.98 -10.78 1.49
N LEU A 499 11.05 -9.51 1.86
CA LEU A 499 12.16 -9.03 2.69
C LEU A 499 12.27 -9.78 4.02
N PHE A 500 11.17 -9.87 4.75
CA PHE A 500 11.15 -10.64 5.98
C PHE A 500 10.08 -11.74 5.94
N PRO A 501 10.39 -12.91 5.36
CA PRO A 501 9.41 -14.02 5.40
C PRO A 501 9.14 -14.51 6.81
N THR A 502 7.95 -15.05 7.06
CA THR A 502 7.60 -15.49 8.40
C THR A 502 8.31 -16.77 8.65
N MET A 503 8.90 -16.84 9.84
CA MET A 503 9.72 -17.96 10.23
C MET A 503 9.46 -18.24 11.67
N ARG A 504 9.83 -19.43 12.13
CA ARG A 504 9.82 -19.69 13.57
C ARG A 504 10.94 -18.91 14.21
N PRO A 505 10.87 -18.73 15.54
CA PRO A 505 12.04 -18.32 16.30
C PRO A 505 12.85 -19.56 16.65
N GLU B 1 -45.94 6.67 -2.15
CA GLU B 1 -45.52 5.89 -0.94
C GLU B 1 -45.66 4.43 -1.27
N VAL B 2 -44.58 3.70 -1.05
CA VAL B 2 -44.52 2.29 -1.40
C VAL B 2 -43.75 1.58 -0.31
N ASP B 3 -44.30 0.50 0.19
CA ASP B 3 -43.63 -0.30 1.20
C ASP B 3 -42.35 -0.85 0.59
N PRO B 4 -41.26 -0.86 1.35
CA PRO B 4 -40.00 -1.29 0.73
C PRO B 4 -39.84 -2.80 0.53
N ARG B 5 -40.47 -3.57 1.40
CA ARG B 5 -40.42 -5.00 1.25
C ARG B 5 -41.28 -5.41 0.03
N LEU B 6 -42.47 -4.84 -0.12
CA LEU B 6 -43.27 -5.03 -1.33
C LEU B 6 -42.49 -4.68 -2.60
N TYR B 7 -41.75 -3.60 -2.53
CA TYR B 7 -40.96 -3.14 -3.64
C TYR B 7 -39.93 -4.17 -4.01
N PHE B 8 -39.17 -4.57 -2.99
CA PHE B 8 -38.17 -5.59 -3.17
C PHE B 8 -38.79 -6.90 -3.74
N GLU B 9 -39.89 -7.34 -3.14
CA GLU B 9 -40.54 -8.55 -3.55
C GLU B 9 -41.13 -8.46 -4.94
N ASN B 10 -41.68 -7.31 -5.32
CA ASN B 10 -42.13 -7.14 -6.72
C ASN B 10 -41.02 -7.09 -7.75
N ARG B 11 -39.91 -6.48 -7.45
CA ARG B 11 -38.84 -6.44 -8.42
C ARG B 11 -38.28 -7.85 -8.57
N SER B 12 -38.28 -8.59 -7.48
CA SER B 12 -37.95 -10.02 -7.50
C SER B 12 -38.88 -10.79 -8.45
N LYS B 13 -40.18 -10.60 -8.32
CA LYS B 13 -41.12 -11.31 -9.20
C LYS B 13 -40.83 -10.93 -10.66
N PHE B 14 -40.48 -9.67 -10.89
CA PHE B 14 -40.19 -9.20 -12.22
C PHE B 14 -38.98 -9.92 -12.83
N ILE B 15 -37.94 -10.06 -12.03
CA ILE B 15 -36.75 -10.77 -12.46
C ILE B 15 -37.05 -12.21 -12.84
N GLN B 16 -37.85 -12.91 -12.07
CA GLN B 16 -38.14 -14.31 -12.36
C GLN B 16 -39.02 -14.41 -13.61
N ASP B 17 -39.98 -13.51 -13.69
CA ASP B 17 -40.88 -13.45 -14.82
C ASP B 17 -40.10 -13.19 -16.09
N GLN B 18 -39.00 -12.43 -16.01
CA GLN B 18 -38.15 -12.25 -17.17
C GLN B 18 -37.46 -13.56 -17.52
N LYS B 19 -36.88 -14.21 -16.52
CA LYS B 19 -36.31 -15.53 -16.70
C LYS B 19 -37.27 -16.44 -17.45
N ASP B 20 -38.47 -16.60 -16.92
CA ASP B 20 -39.47 -17.50 -17.52
C ASP B 20 -39.91 -17.13 -18.95
N LYS B 21 -39.80 -15.88 -19.35
CA LYS B 21 -40.14 -15.53 -20.71
C LYS B 21 -38.94 -15.78 -21.64
N GLY B 22 -37.90 -16.43 -21.13
CA GLY B 22 -36.66 -16.59 -21.92
C GLY B 22 -35.62 -15.48 -21.73
N ILE B 23 -36.03 -14.30 -21.24
CA ILE B 23 -35.14 -13.15 -21.06
C ILE B 23 -34.11 -13.44 -19.95
N ASN B 24 -32.89 -12.97 -20.16
CA ASN B 24 -31.84 -13.06 -19.16
C ASN B 24 -31.62 -11.68 -18.55
N PRO B 25 -32.11 -11.50 -17.31
CA PRO B 25 -32.19 -10.15 -16.79
C PRO B 25 -30.88 -9.67 -16.22
N TYR B 26 -29.89 -10.56 -16.19
CA TYR B 26 -28.52 -10.19 -15.85
C TYR B 26 -27.59 -10.63 -17.01
N PRO B 27 -27.64 -9.92 -18.14
CA PRO B 27 -26.85 -10.35 -19.29
C PRO B 27 -25.38 -10.34 -18.99
N HIS B 28 -24.62 -11.14 -19.67
CA HIS B 28 -23.18 -11.18 -19.43
C HIS B 28 -22.43 -9.97 -19.94
N LYS B 29 -22.77 -9.48 -21.12
CA LYS B 29 -21.92 -8.51 -21.78
C LYS B 29 -22.70 -7.54 -22.67
N PHE B 30 -22.54 -6.25 -22.43
CA PHE B 30 -23.06 -5.22 -23.27
C PHE B 30 -21.83 -4.52 -23.82
N GLU B 31 -21.62 -4.57 -25.14
CA GLU B 31 -20.44 -3.94 -25.75
C GLU B 31 -20.65 -2.43 -25.83
N ARG B 32 -19.99 -1.67 -24.98
CA ARG B 32 -20.20 -0.25 -24.98
C ARG B 32 -19.07 0.42 -25.75
N THR B 33 -19.37 1.53 -26.40
CA THR B 33 -18.42 2.21 -27.26
C THR B 33 -17.87 3.50 -26.64
N ILE B 34 -18.50 3.99 -25.59
CA ILE B 34 -18.16 5.26 -24.98
C ILE B 34 -18.58 5.32 -23.50
N SER B 35 -17.79 6.02 -22.68
CA SER B 35 -18.12 6.24 -21.29
C SER B 35 -18.84 7.55 -21.18
N ILE B 36 -19.53 7.74 -20.06
CA ILE B 36 -20.25 8.98 -19.85
C ILE B 36 -19.31 10.22 -19.87
N PRO B 37 -18.21 10.23 -19.10
CA PRO B 37 -17.23 11.33 -19.28
C PRO B 37 -16.84 11.56 -20.75
N GLU B 38 -16.41 10.53 -21.47
CA GLU B 38 -16.14 10.66 -22.91
C GLU B 38 -17.30 11.31 -23.65
N PHE B 39 -18.52 10.95 -23.29
CA PHE B 39 -19.71 11.44 -24.01
C PHE B 39 -19.83 12.94 -23.83
N ILE B 40 -19.67 13.39 -22.60
CA ILE B 40 -19.82 14.80 -22.28
C ILE B 40 -18.76 15.63 -23.02
N GLU B 41 -17.52 15.18 -22.91
CA GLU B 41 -16.39 15.80 -23.55
C GLU B 41 -16.61 15.91 -25.06
N LYS B 42 -17.17 14.88 -25.68
CA LYS B 42 -17.34 14.86 -27.15
C LYS B 42 -18.54 15.67 -27.62
N TYR B 43 -19.60 15.78 -26.80
CA TYR B 43 -20.83 16.43 -27.26
C TYR B 43 -21.32 17.62 -26.47
N LYS B 44 -20.53 18.14 -25.53
CA LYS B 44 -20.84 19.44 -24.94
C LYS B 44 -21.43 20.38 -26.01
N ASP B 45 -20.76 20.54 -27.16
CA ASP B 45 -21.30 21.35 -28.29
C ASP B 45 -22.57 20.72 -28.94
N GLY B 49 -29.61 22.70 -29.36
CA GLY B 49 -30.84 21.89 -29.60
C GLY B 49 -30.80 20.75 -30.63
N GLU B 50 -29.60 20.38 -31.08
CA GLU B 50 -29.40 19.51 -32.25
C GLU B 50 -29.32 18.01 -31.94
N HIS B 51 -29.70 17.18 -32.90
CA HIS B 51 -29.53 15.74 -32.84
C HIS B 51 -28.49 15.27 -33.87
N LEU B 52 -27.69 14.26 -33.53
CA LEU B 52 -26.86 13.54 -34.49
C LEU B 52 -27.47 12.14 -34.68
N GLU B 53 -28.55 12.07 -35.45
CA GLU B 53 -29.33 10.82 -35.64
C GLU B 53 -28.54 9.77 -36.41
N ASP B 54 -27.58 10.24 -37.18
CA ASP B 54 -26.60 9.40 -37.87
C ASP B 54 -25.64 8.60 -36.96
N THR B 55 -25.14 9.16 -35.85
CA THR B 55 -24.12 8.51 -35.02
C THR B 55 -24.80 7.59 -33.96
N ILE B 56 -24.53 6.28 -33.99
CA ILE B 56 -25.16 5.34 -33.03
C ILE B 56 -24.17 4.87 -31.96
N LEU B 57 -24.36 5.31 -30.73
CA LEU B 57 -23.51 4.94 -29.60
C LEU B 57 -24.12 3.82 -28.73
N ASN B 58 -23.25 3.01 -28.11
CA ASN B 58 -23.64 2.13 -27.00
C ASN B 58 -23.08 2.66 -25.70
N ILE B 59 -23.97 2.94 -24.76
CA ILE B 59 -23.54 3.54 -23.52
C ILE B 59 -24.14 2.82 -22.33
N THR B 60 -23.46 2.89 -21.17
CA THR B 60 -24.00 2.32 -19.95
C THR B 60 -23.92 3.27 -18.79
N GLY B 61 -24.62 2.93 -17.71
CA GLY B 61 -24.69 3.77 -16.53
C GLY B 61 -25.88 3.42 -15.67
N ARG B 62 -26.06 4.16 -14.57
CA ARG B 62 -27.10 3.87 -13.61
C ARG B 62 -28.20 4.91 -13.63
N ILE B 63 -29.46 4.49 -13.71
CA ILE B 63 -30.58 5.43 -13.66
C ILE B 63 -30.70 6.00 -12.25
N MET B 64 -30.68 7.32 -12.10
CA MET B 64 -30.85 7.94 -10.79
C MET B 64 -32.06 8.87 -10.67
N ARG B 65 -32.65 9.24 -11.79
CA ARG B 65 -33.89 10.00 -11.75
C ARG B 65 -34.81 9.44 -12.84
N VAL B 66 -36.09 9.41 -12.57
CA VAL B 66 -37.06 8.89 -13.52
C VAL B 66 -38.20 9.85 -13.62
N SER B 67 -38.58 10.22 -14.83
CA SER B 67 -39.65 11.20 -14.98
C SER B 67 -40.27 11.03 -16.34
N ALA B 68 -41.37 11.71 -16.58
CA ALA B 68 -42.08 11.56 -17.85
C ALA B 68 -42.99 12.76 -18.17
N SER B 69 -43.23 12.97 -19.48
CA SER B 69 -44.28 13.85 -19.96
C SER B 69 -45.28 12.97 -20.72
N GLY B 70 -46.04 12.20 -19.98
CA GLY B 70 -46.83 11.12 -20.55
C GLY B 70 -46.06 9.91 -21.07
N GLN B 71 -46.79 9.08 -21.80
CA GLN B 71 -46.37 7.73 -22.11
C GLN B 71 -45.28 7.65 -23.13
N LYS B 72 -45.34 8.55 -24.11
CA LYS B 72 -44.44 8.52 -25.26
C LYS B 72 -43.20 9.41 -25.02
N LEU B 73 -43.01 9.92 -23.79
CA LEU B 73 -41.83 10.72 -23.45
C LEU B 73 -41.33 10.49 -22.04
N ARG B 74 -40.17 9.85 -21.90
CA ARG B 74 -39.61 9.54 -20.60
C ARG B 74 -38.24 10.15 -20.47
N PHE B 75 -37.93 10.64 -19.27
CA PHE B 75 -36.65 11.25 -18.99
C PHE B 75 -35.98 10.51 -17.86
N PHE B 76 -34.68 10.30 -17.99
CA PHE B 76 -33.88 9.75 -16.89
C PHE B 76 -32.58 10.52 -16.74
N ASP B 77 -31.96 10.39 -15.56
CA ASP B 77 -30.61 10.88 -15.31
C ASP B 77 -29.75 9.67 -15.28
N LEU B 78 -28.69 9.61 -16.09
CA LEU B 78 -27.82 8.44 -16.16
C LEU B 78 -26.42 8.80 -15.66
N VAL B 79 -25.90 8.04 -14.70
CA VAL B 79 -24.62 8.37 -14.08
C VAL B 79 -23.60 7.26 -14.19
N GLY B 80 -22.38 7.69 -14.44
CA GLY B 80 -21.24 6.84 -14.67
C GLY B 80 -20.02 7.70 -14.35
N ASP B 81 -19.12 7.17 -13.56
CA ASP B 81 -17.86 7.82 -13.24
C ASP B 81 -18.04 9.26 -12.75
N GLY B 82 -19.02 9.48 -11.89
CA GLY B 82 -19.21 10.78 -11.27
C GLY B 82 -19.83 11.82 -12.18
N GLU B 83 -20.33 11.42 -13.34
CA GLU B 83 -20.93 12.33 -14.29
C GLU B 83 -22.33 11.90 -14.58
N LYS B 84 -23.14 12.82 -15.08
CA LYS B 84 -24.53 12.54 -15.32
C LYS B 84 -24.86 13.11 -16.69
N ILE B 85 -25.74 12.43 -17.43
CA ILE B 85 -26.36 12.96 -18.62
C ILE B 85 -27.81 12.56 -18.61
N GLN B 86 -28.58 13.16 -19.49
CA GLN B 86 -29.97 12.83 -19.61
C GLN B 86 -30.21 11.75 -20.64
N VAL B 87 -31.20 10.89 -20.36
CA VAL B 87 -31.73 9.94 -21.34
C VAL B 87 -33.08 10.49 -21.68
N LEU B 88 -33.28 10.80 -22.95
CA LEU B 88 -34.58 11.28 -23.40
C LEU B 88 -35.14 10.20 -24.29
N ALA B 89 -36.05 9.41 -23.76
CA ALA B 89 -36.62 8.29 -24.50
C ALA B 89 -37.89 8.78 -25.09
N ASN B 90 -37.98 8.68 -26.40
CA ASN B 90 -39.03 9.30 -27.17
C ASN B 90 -39.60 8.23 -28.04
N TYR B 91 -40.89 8.03 -27.89
CA TYR B 91 -41.55 6.99 -28.65
C TYR B 91 -41.09 7.01 -30.12
N SER B 92 -41.09 8.18 -30.75
CA SER B 92 -40.66 8.32 -32.15
C SER B 92 -39.39 7.56 -32.51
N PHE B 93 -38.32 7.74 -31.73
CA PHE B 93 -37.02 7.12 -32.08
C PHE B 93 -36.87 5.66 -31.66
N HIS B 94 -37.92 5.08 -31.11
CA HIS B 94 -37.80 3.78 -30.51
C HIS B 94 -37.87 2.73 -31.62
N ASN B 95 -36.99 1.76 -31.53
CA ASN B 95 -37.09 0.59 -32.37
C ASN B 95 -38.21 -0.30 -31.85
N HIS B 96 -39.36 -0.21 -32.51
CA HIS B 96 -40.55 -0.93 -32.07
C HIS B 96 -40.50 -2.40 -32.35
N GLU B 97 -39.54 -2.86 -33.13
CA GLU B 97 -39.35 -4.30 -33.37
C GLU B 97 -38.92 -4.96 -32.09
N LYS B 98 -38.22 -4.22 -31.26
CA LYS B 98 -37.63 -4.76 -30.07
C LYS B 98 -38.61 -4.85 -28.90
N GLY B 99 -39.80 -4.26 -29.01
CA GLY B 99 -40.78 -4.33 -27.92
C GLY B 99 -41.59 -3.08 -27.77
N ASN B 100 -42.78 -3.19 -27.18
CA ASN B 100 -43.65 -2.02 -26.90
C ASN B 100 -42.94 -0.96 -26.02
N PHE B 101 -42.96 0.28 -26.47
CA PHE B 101 -42.31 1.38 -25.78
C PHE B 101 -42.73 1.48 -24.30
N ALA B 102 -44.02 1.53 -24.06
CA ALA B 102 -44.55 1.73 -22.71
C ALA B 102 -44.20 0.59 -21.74
N GLU B 103 -44.30 -0.62 -22.22
CA GLU B 103 -43.95 -1.75 -21.40
C GLU B 103 -42.46 -1.74 -21.09
N CYS B 104 -41.60 -1.46 -22.07
CA CYS B 104 -40.16 -1.49 -21.80
C CYS B 104 -39.76 -0.44 -20.73
N TYR B 105 -40.21 0.80 -20.94
CA TYR B 105 -39.76 1.86 -20.09
C TYR B 105 -40.52 1.92 -18.78
N ASP B 106 -41.70 1.34 -18.70
CA ASP B 106 -42.38 1.24 -17.41
C ASP B 106 -41.55 0.41 -16.47
N LYS B 107 -40.83 -0.60 -16.98
CA LYS B 107 -40.11 -1.54 -16.10
C LYS B 107 -38.77 -0.98 -15.58
N ILE B 108 -38.38 0.21 -16.03
CA ILE B 108 -37.07 0.79 -15.65
C ILE B 108 -37.19 1.78 -14.46
N ARG B 109 -36.63 1.38 -13.33
CA ARG B 109 -36.74 2.12 -12.10
C ARG B 109 -35.43 2.74 -11.69
N ARG B 110 -35.55 3.68 -10.78
CA ARG B 110 -34.42 4.33 -10.19
C ARG B 110 -33.43 3.33 -9.56
N GLY B 111 -32.17 3.45 -9.94
CA GLY B 111 -31.14 2.53 -9.46
C GLY B 111 -30.74 1.46 -10.51
N ASP B 112 -31.54 1.25 -11.55
CA ASP B 112 -31.20 0.25 -12.50
C ASP B 112 -29.98 0.60 -13.30
N ILE B 113 -29.18 -0.42 -13.58
CA ILE B 113 -28.07 -0.30 -14.48
C ILE B 113 -28.53 -0.73 -15.85
N VAL B 114 -28.28 0.15 -16.83
CA VAL B 114 -28.75 -0.06 -18.17
C VAL B 114 -27.68 0.11 -19.22
N GLY B 115 -28.02 -0.45 -20.38
CA GLY B 115 -27.22 -0.34 -21.58
C GLY B 115 -28.14 0.26 -22.61
N ILE B 116 -27.65 1.27 -23.30
CA ILE B 116 -28.46 2.09 -24.17
C ILE B 116 -27.76 2.16 -25.53
N VAL B 117 -28.55 1.95 -26.57
CA VAL B 117 -28.09 2.14 -27.94
C VAL B 117 -28.82 3.33 -28.50
N GLY B 118 -28.11 4.38 -28.87
CA GLY B 118 -28.80 5.57 -29.32
C GLY B 118 -27.89 6.69 -29.78
N PHE B 119 -28.47 7.87 -29.91
CA PHE B 119 -27.78 8.94 -30.56
C PHE B 119 -27.68 10.15 -29.66
N PRO B 120 -26.57 10.88 -29.76
CA PRO B 120 -26.34 11.99 -28.90
C PRO B 120 -27.08 13.20 -29.42
N GLY B 121 -27.41 14.11 -28.51
CA GLY B 121 -28.17 15.31 -28.86
C GLY B 121 -28.33 16.24 -27.67
N LYS B 122 -29.09 17.31 -27.88
CA LYS B 122 -29.51 18.17 -26.80
C LYS B 122 -30.97 18.44 -26.93
N SER B 123 -31.67 18.50 -25.80
CA SER B 123 -33.06 18.93 -25.83
C SER B 123 -33.20 20.38 -26.35
N LYS B 124 -34.43 20.79 -26.67
CA LYS B 124 -34.68 22.17 -27.07
C LYS B 124 -34.22 23.10 -25.92
N LYS B 125 -34.56 22.70 -24.70
CA LYS B 125 -34.09 23.37 -23.49
C LYS B 125 -32.56 23.41 -23.37
N GLY B 126 -31.85 22.51 -24.06
CA GLY B 126 -30.38 22.46 -24.03
C GLY B 126 -29.66 21.46 -23.12
N GLU B 127 -30.36 20.44 -22.60
CA GLU B 127 -29.70 19.44 -21.72
C GLU B 127 -29.05 18.32 -22.55
N LEU B 128 -27.79 17.99 -22.27
CA LEU B 128 -27.10 16.99 -23.04
C LEU B 128 -27.71 15.62 -22.77
N SER B 129 -28.10 14.95 -23.86
CA SER B 129 -28.83 13.68 -23.75
C SER B 129 -28.40 12.61 -24.74
N ILE B 130 -28.67 11.37 -24.37
CA ILE B 130 -28.64 10.27 -25.30
C ILE B 130 -30.10 10.01 -25.60
N PHE B 131 -30.40 9.70 -26.85
CA PHE B 131 -31.73 9.43 -27.30
C PHE B 131 -31.72 7.97 -27.69
N PRO B 132 -32.34 7.09 -26.87
CA PRO B 132 -32.24 5.67 -27.15
C PRO B 132 -33.06 5.26 -28.35
N LYS B 133 -32.60 4.20 -28.99
CA LYS B 133 -33.34 3.38 -29.94
C LYS B 133 -33.74 2.06 -29.20
N GLU B 134 -32.90 1.64 -28.27
CA GLU B 134 -33.13 0.43 -27.46
C GLU B 134 -32.45 0.63 -26.11
N THR B 135 -33.17 0.32 -25.04
CA THR B 135 -32.60 0.29 -23.67
C THR B 135 -32.61 -1.17 -23.16
N ILE B 136 -31.49 -1.67 -22.62
CA ILE B 136 -31.43 -3.01 -22.01
C ILE B 136 -31.17 -2.88 -20.54
N LEU B 137 -31.93 -3.63 -19.76
CA LEU B 137 -31.60 -3.81 -18.35
C LEU B 137 -30.41 -4.76 -18.28
N LEU B 138 -29.36 -4.33 -17.60
CA LEU B 138 -28.19 -5.15 -17.33
C LEU B 138 -28.13 -5.70 -15.89
N SER B 139 -28.68 -4.95 -14.96
CA SER B 139 -28.70 -5.36 -13.57
C SER B 139 -29.69 -4.46 -12.80
N ALA B 140 -30.74 -5.07 -12.27
CA ALA B 140 -31.81 -4.33 -11.65
C ALA B 140 -31.41 -3.96 -10.25
N CYS B 141 -31.92 -2.84 -9.77
CA CYS B 141 -31.80 -2.47 -8.35
C CYS B 141 -33.08 -2.93 -7.63
N LEU B 142 -32.93 -3.89 -6.73
CA LEU B 142 -34.10 -4.51 -6.08
C LEU B 142 -34.63 -3.67 -4.92
N HIS B 143 -33.83 -2.76 -4.38
CA HIS B 143 -34.30 -1.90 -3.31
C HIS B 143 -34.53 -0.49 -3.80
N MET B 144 -35.33 0.26 -3.03
CA MET B 144 -35.51 1.68 -3.24
C MET B 144 -34.32 2.43 -2.68
N LEU B 145 -33.66 3.20 -3.54
CA LEU B 145 -32.63 4.10 -3.12
C LEU B 145 -33.23 5.25 -2.30
N PRO B 146 -32.44 5.86 -1.40
CA PRO B 146 -32.80 7.09 -0.73
C PRO B 146 -32.64 8.35 -1.61
N MET B 147 -33.49 9.37 -1.39
CA MET B 147 -33.42 10.63 -2.16
C MET B 147 -32.19 11.42 -1.77
N THR B 154 -26.82 9.18 7.80
CA THR B 154 -26.86 8.51 9.10
C THR B 154 -25.55 7.69 9.40
N GLU B 155 -25.71 6.49 10.00
CA GLU B 155 -24.63 5.49 10.08
C GLU B 155 -24.55 4.71 8.78
N ILE B 156 -25.60 4.80 7.96
CA ILE B 156 -25.70 4.03 6.74
C ILE B 156 -24.54 4.36 5.80
N ARG B 157 -24.09 5.63 5.80
CA ARG B 157 -22.92 6.03 5.03
C ARG B 157 -21.74 5.13 5.32
N TYR B 158 -21.62 4.70 6.56
CA TYR B 158 -20.50 3.82 6.97
C TYR B 158 -20.69 2.32 6.69
N ARG B 159 -21.89 1.80 6.92
CA ARG B 159 -22.12 0.38 6.74
C ARG B 159 -22.44 0.10 5.32
N GLN B 160 -23.16 1.02 4.67
CA GLN B 160 -23.48 0.89 3.25
C GLN B 160 -22.83 1.96 2.39
N ARG B 161 -21.51 2.02 2.45
CA ARG B 161 -20.71 3.00 1.69
C ARG B 161 -21.05 3.11 0.20
N TYR B 162 -21.46 2.02 -0.42
CA TYR B 162 -21.82 2.07 -1.86
C TYR B 162 -22.97 3.04 -2.10
N LEU B 163 -23.88 3.14 -1.14
CA LEU B 163 -24.97 4.11 -1.21
C LEU B 163 -24.50 5.55 -1.12
N ASP B 164 -23.65 5.79 -0.13
CA ASP B 164 -22.97 7.08 0.05
C ASP B 164 -22.31 7.54 -1.24
N LEU B 165 -21.50 6.67 -1.84
CA LEU B 165 -20.75 6.96 -3.05
C LEU B 165 -21.65 7.31 -4.22
N LEU B 166 -22.78 6.63 -4.38
CA LEU B 166 -23.73 6.94 -5.44
C LEU B 166 -24.51 8.22 -5.20
N ILE B 167 -24.94 8.47 -3.97
CA ILE B 167 -25.88 9.56 -3.71
C ILE B 167 -25.22 10.90 -3.48
N ASN B 168 -24.15 10.94 -2.66
CA ASN B 168 -23.49 12.22 -2.28
C ASN B 168 -22.27 12.52 -3.15
N GLU B 169 -22.35 13.57 -3.98
CA GLU B 169 -21.26 13.90 -4.89
C GLU B 169 -20.00 14.15 -4.09
N SER B 170 -20.14 14.65 -2.88
CA SER B 170 -18.98 15.09 -2.09
C SER B 170 -18.26 13.92 -1.55
N SER B 171 -19.00 12.88 -1.20
CA SER B 171 -18.41 11.66 -0.68
C SER B 171 -17.40 11.06 -1.69
N ARG B 172 -17.81 10.92 -2.94
CA ARG B 172 -16.91 10.40 -3.95
C ARG B 172 -15.65 11.30 -4.06
N HIS B 173 -15.86 12.61 -4.05
CA HIS B 173 -14.80 13.60 -4.19
C HIS B 173 -13.78 13.38 -3.08
N THR B 174 -14.28 13.09 -1.88
CA THR B 174 -13.43 12.88 -0.71
C THR B 174 -12.49 11.72 -1.01
N PHE B 175 -13.03 10.64 -1.52
CA PHE B 175 -12.20 9.49 -1.72
C PHE B 175 -11.28 9.64 -2.94
N VAL B 176 -11.65 10.40 -3.96
CA VAL B 176 -10.71 10.68 -5.07
C VAL B 176 -9.51 11.51 -4.53
N THR B 177 -9.83 12.54 -3.75
CA THR B 177 -8.79 13.31 -3.07
C THR B 177 -7.88 12.35 -2.29
N ARG B 178 -8.48 11.41 -1.56
CA ARG B 178 -7.64 10.49 -0.79
C ARG B 178 -6.59 9.81 -1.66
N THR B 179 -6.99 9.24 -2.78
CA THR B 179 -6.08 8.47 -3.60
C THR B 179 -5.06 9.41 -4.21
N LYS B 180 -5.48 10.64 -4.49
CA LYS B 180 -4.61 11.62 -5.07
C LYS B 180 -3.55 12.00 -4.10
N ILE B 181 -3.95 12.29 -2.87
CA ILE B 181 -2.99 12.54 -1.80
C ILE B 181 -1.96 11.43 -1.77
N ILE B 182 -2.40 10.19 -1.74
CA ILE B 182 -1.44 9.10 -1.68
C ILE B 182 -0.57 9.02 -2.94
N ASN B 183 -1.12 9.30 -4.11
CA ASN B 183 -0.30 9.34 -5.34
C ASN B 183 0.74 10.41 -5.33
N PHE B 184 0.41 11.53 -4.72
CA PHE B 184 1.31 12.68 -4.73
C PHE B 184 2.54 12.34 -3.89
N LEU B 185 2.25 11.79 -2.73
CA LEU B 185 3.26 11.39 -1.74
C LEU B 185 4.17 10.36 -2.34
N ARG B 186 3.59 9.32 -2.91
CA ARG B 186 4.38 8.28 -3.56
C ARG B 186 5.33 8.83 -4.65
N ASN B 187 4.83 9.72 -5.48
CA ASN B 187 5.68 10.34 -6.45
C ASN B 187 6.63 11.35 -5.83
N PHE B 188 6.19 12.06 -4.82
CA PHE B 188 7.08 13.00 -4.15
C PHE B 188 8.35 12.31 -3.67
N LEU B 189 8.18 11.13 -3.07
CA LEU B 189 9.32 10.36 -2.59
C LEU B 189 10.11 9.67 -3.70
N ASN B 190 9.42 9.19 -4.71
CA ASN B 190 10.08 8.52 -5.79
C ASN B 190 10.98 9.48 -6.51
N GLU B 191 10.51 10.70 -6.73
CA GLU B 191 11.34 11.71 -7.35
C GLU B 191 12.59 11.97 -6.58
N ARG B 192 12.55 11.83 -5.27
CA ARG B 192 13.69 12.16 -4.42
C ARG B 192 14.52 10.96 -4.12
N GLY B 193 14.33 9.88 -4.86
CA GLY B 193 15.20 8.71 -4.78
C GLY B 193 14.87 7.66 -3.72
N PHE B 194 13.71 7.79 -3.07
CA PHE B 194 13.27 6.80 -2.10
C PHE B 194 12.81 5.55 -2.77
N PHE B 195 13.07 4.42 -2.14
CA PHE B 195 12.71 3.13 -2.64
C PHE B 195 11.57 2.52 -1.76
N GLU B 196 10.46 2.13 -2.38
CA GLU B 196 9.28 1.59 -1.69
C GLU B 196 9.45 0.13 -1.42
N VAL B 197 9.03 -0.31 -0.25
CA VAL B 197 9.15 -1.71 0.16
C VAL B 197 7.93 -2.13 0.95
N GLU B 198 7.81 -3.42 1.20
CA GLU B 198 6.78 -3.95 2.10
C GLU B 198 7.46 -4.62 3.25
N THR B 199 7.05 -4.34 4.48
CA THR B 199 7.58 -5.06 5.64
C THR B 199 6.49 -5.95 6.17
N PRO B 200 6.79 -6.84 7.10
CA PRO B 200 5.72 -7.73 7.58
C PRO B 200 4.68 -7.11 8.49
N MET B 201 3.46 -7.58 8.35
CA MET B 201 2.35 -7.16 9.17
C MET B 201 2.29 -7.96 10.45
N MET B 202 2.91 -9.14 10.47
CA MET B 202 2.82 -10.03 11.61
C MET B 202 4.25 -10.27 12.01
N ASN B 203 4.53 -10.14 13.30
CA ASN B 203 5.89 -10.18 13.84
C ASN B 203 5.92 -10.88 15.19
N LEU B 204 7.09 -11.35 15.58
CA LEU B 204 7.21 -12.01 16.84
C LEU B 204 7.21 -10.93 17.95
N ILE B 205 7.84 -9.79 17.75
CA ILE B 205 7.72 -8.63 18.67
C ILE B 205 6.95 -7.52 17.96
N ALA B 206 6.47 -6.53 18.73
CA ALA B 206 5.65 -5.44 18.17
C ALA B 206 6.07 -4.01 18.58
N GLY B 207 7.35 -3.71 18.52
CA GLY B 207 7.81 -2.35 18.75
C GLY B 207 7.43 -1.36 17.66
N GLY B 208 7.92 -0.13 17.81
CA GLY B 208 7.78 0.98 16.84
C GLY B 208 7.07 2.21 17.37
N ALA B 209 6.26 1.98 18.40
CA ALA B 209 5.47 3.04 18.99
C ALA B 209 4.90 2.51 20.27
N ASN B 210 4.22 3.37 21.01
CA ASN B 210 3.70 2.98 22.31
C ASN B 210 2.22 2.73 22.20
N ALA B 211 1.87 1.51 21.89
CA ALA B 211 0.49 1.14 21.60
C ALA B 211 0.26 -0.34 21.82
N ARG B 212 -0.87 -0.67 22.41
CA ARG B 212 -1.25 -2.05 22.58
C ARG B 212 -1.45 -2.60 21.18
N PRO B 213 -0.95 -3.82 20.93
CA PRO B 213 -1.12 -4.52 19.68
C PRO B 213 -2.26 -5.57 19.65
N PHE B 214 -2.75 -5.86 18.45
CA PHE B 214 -3.54 -7.04 18.15
C PHE B 214 -2.60 -8.24 18.11
N ILE B 215 -3.15 -9.43 18.41
CA ILE B 215 -2.40 -10.70 18.46
C ILE B 215 -3.16 -11.76 17.68
N THR B 216 -2.46 -12.65 17.03
CA THR B 216 -3.13 -13.64 16.23
C THR B 216 -2.27 -14.89 16.28
N HIS B 217 -2.69 -15.95 15.61
CA HIS B 217 -2.04 -17.21 15.76
C HIS B 217 -1.91 -17.90 14.41
N HIS B 218 -0.74 -18.44 14.13
CA HIS B 218 -0.54 -19.26 12.96
C HIS B 218 -0.57 -20.74 13.37
N ASN B 219 -1.41 -21.52 12.70
CA ASN B 219 -1.72 -22.86 13.19
C ASN B 219 -0.59 -23.84 12.93
N ASP B 220 -0.14 -23.93 11.68
CA ASP B 220 0.79 -24.98 11.25
C ASP B 220 2.16 -24.77 11.93
N LEU B 221 2.50 -23.52 12.25
CA LEU B 221 3.75 -23.20 12.95
C LEU B 221 3.56 -23.16 14.45
N ASP B 222 2.30 -23.28 14.89
CA ASP B 222 1.90 -23.07 16.28
C ASP B 222 2.61 -21.92 16.96
N LEU B 223 2.36 -20.72 16.48
CA LEU B 223 3.12 -19.54 16.88
C LEU B 223 2.18 -18.35 17.04
N ASP B 224 2.38 -17.57 18.09
CA ASP B 224 1.62 -16.35 18.22
C ASP B 224 2.33 -15.19 17.53
N LEU B 225 1.57 -14.25 17.02
CA LEU B 225 2.11 -13.16 16.25
C LEU B 225 1.35 -11.89 16.57
N TYR B 226 2.03 -10.76 16.47
CA TYR B 226 1.46 -9.46 16.75
C TYR B 226 1.27 -8.74 15.43
N LEU B 227 0.16 -8.06 15.27
CA LEU B 227 0.01 -7.21 14.11
C LEU B 227 0.77 -5.93 14.38
N ARG B 228 1.49 -5.48 13.36
CA ARG B 228 2.44 -4.43 13.48
C ARG B 228 1.73 -3.16 13.91
N ILE B 229 2.37 -2.38 14.79
CA ILE B 229 1.82 -1.11 15.27
C ILE B 229 2.50 0.08 14.60
N ALA B 230 3.47 -0.22 13.73
CA ALA B 230 4.28 0.78 13.06
C ALA B 230 5.25 0.06 12.12
N THR B 231 5.89 0.77 11.22
CA THR B 231 6.85 0.14 10.33
C THR B 231 8.31 0.51 10.67
N GLU B 232 8.50 1.27 11.72
CA GLU B 232 9.80 1.82 12.06
C GLU B 232 10.93 0.79 12.15
N LEU B 233 10.75 -0.27 12.94
CA LEU B 233 11.89 -1.12 13.23
C LEU B 233 12.38 -1.86 11.98
N PRO B 234 11.48 -2.48 11.22
CA PRO B 234 12.02 -3.15 10.02
C PRO B 234 12.57 -2.20 8.97
N LEU B 235 12.02 -1.00 8.85
CA LEU B 235 12.58 -0.03 7.90
C LEU B 235 13.96 0.45 8.25
N LYS B 236 14.27 0.67 9.51
CA LYS B 236 15.65 0.94 9.88
C LYS B 236 16.57 -0.24 9.53
N MET B 237 16.08 -1.48 9.61
CA MET B 237 16.92 -2.65 9.31
C MET B 237 17.36 -2.59 7.86
N LEU B 238 16.49 -2.06 7.01
CA LEU B 238 16.79 -1.87 5.62
C LEU B 238 17.84 -0.75 5.38
N ILE B 239 17.77 0.29 6.20
CA ILE B 239 18.82 1.28 6.22
C ILE B 239 20.18 0.62 6.51
N VAL B 240 20.24 -0.28 7.50
CA VAL B 240 21.44 -1.04 7.81
C VAL B 240 21.79 -1.87 6.59
N GLY B 241 20.79 -2.50 6.01
CA GLY B 241 21.00 -3.31 4.83
C GLY B 241 21.50 -2.54 3.60
N GLY B 242 21.44 -1.22 3.65
CA GLY B 242 22.08 -0.42 2.63
C GLY B 242 21.10 0.22 1.68
N ILE B 243 19.83 0.18 1.99
CA ILE B 243 18.90 0.98 1.24
C ILE B 243 18.80 2.33 1.94
N ASP B 244 19.53 3.30 1.41
CA ASP B 244 19.73 4.56 2.08
C ASP B 244 18.51 5.42 2.16
N LYS B 245 17.59 5.25 1.21
CA LYS B 245 16.33 5.96 1.22
C LYS B 245 15.21 5.01 0.95
N VAL B 246 14.41 4.74 1.98
CA VAL B 246 13.46 3.63 1.96
C VAL B 246 12.13 4.13 2.51
N TYR B 247 11.02 3.60 2.00
CA TYR B 247 9.73 3.92 2.59
C TYR B 247 8.65 2.90 2.42
N GLU B 248 7.59 3.13 3.17
CA GLU B 248 6.46 2.25 3.12
C GLU B 248 5.20 3.02 3.42
N ILE B 249 4.16 2.80 2.62
CA ILE B 249 2.84 3.33 2.86
C ILE B 249 1.99 2.16 3.17
N GLY B 250 1.22 2.17 4.24
CA GLY B 250 0.47 0.94 4.56
C GLY B 250 -0.28 0.99 5.87
N LYS B 251 -1.14 0.01 6.07
CA LYS B 251 -1.91 -0.07 7.28
C LYS B 251 -1.04 -0.35 8.49
N VAL B 252 -1.38 0.23 9.64
CA VAL B 252 -0.83 -0.25 10.90
C VAL B 252 -1.96 -0.51 11.84
N PHE B 253 -1.73 -1.26 12.90
CA PHE B 253 -2.85 -1.74 13.73
C PHE B 253 -2.61 -1.47 15.18
N ARG B 254 -3.51 -0.70 15.78
CA ARG B 254 -3.39 -0.39 17.19
C ARG B 254 -4.67 -0.82 17.90
N ASN B 255 -4.52 -1.65 18.92
CA ASN B 255 -5.64 -2.15 19.68
C ASN B 255 -5.97 -1.25 20.84
N GLU B 256 -6.44 -0.05 20.53
CA GLU B 256 -6.84 0.91 21.53
C GLU B 256 -8.18 1.40 21.02
N GLY B 257 -8.85 2.25 21.79
CA GLY B 257 -10.21 2.69 21.47
C GLY B 257 -10.47 3.42 20.17
N ILE B 258 -11.73 3.66 19.90
CA ILE B 258 -12.16 4.23 18.65
C ILE B 258 -12.80 5.59 18.89
N ASP B 259 -12.53 6.57 18.02
CA ASP B 259 -13.28 7.85 18.02
C ASP B 259 -13.05 8.64 16.73
N ASN B 260 -13.42 9.92 16.69
CA ASN B 260 -13.22 10.80 15.52
C ASN B 260 -11.88 10.76 14.82
N THR B 261 -10.84 10.47 15.60
CA THR B 261 -9.51 10.56 15.05
C THR B 261 -8.74 9.26 15.23
N HIS B 262 -9.47 8.18 15.46
CA HIS B 262 -8.87 6.86 15.73
C HIS B 262 -9.70 5.74 15.14
N ASN B 263 -9.03 4.97 14.29
CA ASN B 263 -9.59 3.81 13.72
C ASN B 263 -8.57 2.75 13.94
N PRO B 264 -8.97 1.59 14.44
CA PRO B 264 -7.99 0.56 14.81
C PRO B 264 -7.03 0.17 13.68
N GLU B 265 -7.45 0.24 12.43
CA GLU B 265 -6.47 0.15 11.37
C GLU B 265 -6.42 1.49 10.63
N PHE B 266 -5.22 2.03 10.48
CA PHE B 266 -5.07 3.25 9.71
C PHE B 266 -3.86 3.19 8.80
N THR B 267 -3.75 4.18 7.94
CA THR B 267 -2.75 4.14 6.90
C THR B 267 -1.68 5.11 7.25
N SER B 268 -0.46 4.64 7.26
CA SER B 268 0.65 5.52 7.58
C SER B 268 1.61 5.46 6.47
N CYS B 269 2.54 6.37 6.51
CA CYS B 269 3.70 6.31 5.66
C CYS B 269 4.88 6.62 6.55
N GLU B 270 5.91 5.79 6.47
CA GLU B 270 7.16 6.09 7.14
C GLU B 270 8.19 6.06 6.06
N PHE B 271 9.14 6.99 6.14
CA PHE B 271 10.37 6.91 5.36
C PHE B 271 11.55 7.10 6.27
N TYR B 272 12.66 6.48 5.90
CA TYR B 272 13.91 6.68 6.57
C TYR B 272 14.95 7.12 5.56
N TRP B 273 15.83 8.02 5.99
CA TRP B 273 16.69 8.74 5.07
C TRP B 273 18.04 8.79 5.71
N ALA B 274 18.94 7.91 5.28
CA ALA B 274 20.28 7.88 5.80
C ALA B 274 21.00 9.20 5.55
N TYR B 275 21.80 9.64 6.52
CA TYR B 275 22.59 10.90 6.46
C TYR B 275 21.74 12.16 6.58
N ALA B 276 20.49 12.04 6.95
CA ALA B 276 19.71 13.25 7.22
C ALA B 276 19.52 13.30 8.71
N ASP B 277 18.93 14.40 9.14
CA ASP B 277 18.65 14.70 10.53
C ASP B 277 17.39 15.49 10.70
N TYR B 278 17.14 15.96 11.90
CA TYR B 278 15.95 16.70 12.25
C TYR B 278 15.69 17.91 11.38
N ASN B 279 16.71 18.65 11.01
CA ASN B 279 16.55 19.80 10.16
C ASN B 279 16.07 19.48 8.74
N ASP B 280 16.59 18.42 8.17
CA ASP B 280 16.18 17.99 6.86
C ASP B 280 14.73 17.55 6.93
N LEU B 281 14.38 16.86 7.99
CA LEU B 281 13.00 16.43 8.23
C LEU B 281 12.06 17.61 8.31
N ILE B 282 12.46 18.67 8.96
CA ILE B 282 11.65 19.91 8.98
C ILE B 282 11.50 20.50 7.58
N LYS B 283 12.56 20.51 6.77
CA LYS B 283 12.48 21.16 5.43
C LYS B 283 11.54 20.35 4.57
N TRP B 284 11.68 19.04 4.68
CA TRP B 284 10.87 18.13 3.90
C TRP B 284 9.41 18.34 4.24
N SER B 285 9.09 18.37 5.53
CA SER B 285 7.71 18.49 5.96
C SER B 285 7.08 19.73 5.43
N GLU B 286 7.82 20.82 5.41
CA GLU B 286 7.25 22.07 4.94
C GLU B 286 7.09 22.08 3.43
N ASP B 287 7.99 21.42 2.70
CA ASP B 287 7.87 21.31 1.25
C ASP B 287 6.71 20.39 0.90
N PHE B 288 6.64 19.27 1.58
CA PHE B 288 5.62 18.32 1.26
C PHE B 288 4.21 18.91 1.44
N PHE B 289 3.93 19.50 2.58
CA PHE B 289 2.60 20.01 2.84
C PHE B 289 2.24 21.18 1.97
N SER B 290 3.09 22.16 1.91
CA SER B 290 2.81 23.27 1.02
C SER B 290 2.60 22.80 -0.44
N GLN B 291 3.40 21.84 -0.93
CA GLN B 291 3.29 21.40 -2.31
C GLN B 291 2.05 20.56 -2.55
N LEU B 292 1.76 19.67 -1.62
CA LEU B 292 0.55 18.84 -1.68
C LEU B 292 -0.70 19.72 -1.76
N VAL B 293 -0.77 20.73 -0.92
CA VAL B 293 -1.96 21.57 -0.87
C VAL B 293 -2.14 22.40 -2.10
N TYR B 294 -1.05 22.96 -2.60
CA TYR B 294 -1.09 23.69 -3.88
C TYR B 294 -1.46 22.75 -5.01
N HIS B 295 -0.93 21.53 -4.99
CA HIS B 295 -1.24 20.57 -6.05
C HIS B 295 -2.71 20.19 -6.07
N LEU B 296 -3.37 20.22 -4.91
CA LEU B 296 -4.80 19.93 -4.93
C LEU B 296 -5.66 21.12 -5.17
N PHE B 297 -5.28 22.30 -4.73
CA PHE B 297 -6.26 23.37 -4.60
C PHE B 297 -5.91 24.64 -5.33
N GLY B 298 -4.67 24.74 -5.80
CA GLY B 298 -4.18 25.94 -6.45
C GLY B 298 -3.90 27.04 -5.46
N THR B 299 -3.79 26.70 -4.20
CA THR B 299 -3.51 27.68 -3.18
C THR B 299 -2.91 27.00 -1.96
N TYR B 300 -2.45 27.80 -1.02
CA TYR B 300 -1.87 27.30 0.21
C TYR B 300 -2.82 27.49 1.40
N LYS B 301 -3.82 28.35 1.29
CA LYS B 301 -4.78 28.56 2.39
C LYS B 301 -6.10 27.90 2.03
N ILE B 302 -6.53 26.92 2.82
CA ILE B 302 -7.83 26.23 2.67
C ILE B 302 -8.69 26.46 3.88
N SER B 303 -10.00 26.29 3.75
CA SER B 303 -10.91 26.50 4.86
C SER B 303 -11.36 25.17 5.43
N TYR B 304 -11.59 25.13 6.73
CA TYR B 304 -11.92 23.87 7.43
C TYR B 304 -13.01 24.09 8.49
N ASN B 305 -13.91 23.13 8.61
CA ASN B 305 -15.03 23.24 9.53
C ASN B 305 -14.76 22.52 10.85
N LYS B 306 -13.84 23.02 11.63
CA LYS B 306 -13.53 22.43 12.90
C LYS B 306 -14.81 22.19 13.65
N ASP B 307 -15.55 23.25 13.91
CA ASP B 307 -16.77 23.13 14.66
C ASP B 307 -17.81 22.23 14.03
N GLY B 308 -17.90 22.25 12.71
CA GLY B 308 -18.87 21.44 12.00
C GLY B 308 -19.43 22.18 10.80
N PRO B 309 -20.13 21.47 9.93
CA PRO B 309 -20.65 22.16 8.75
C PRO B 309 -21.62 23.23 9.17
N GLU B 310 -22.28 23.02 10.30
CA GLU B 310 -23.20 23.98 10.82
C GLU B 310 -22.53 25.29 11.16
N ASN B 311 -21.38 25.21 11.83
CA ASN B 311 -20.64 26.38 12.26
C ASN B 311 -19.68 27.04 11.25
N GLN B 312 -19.20 28.23 11.55
CA GLN B 312 -18.28 28.91 10.66
C GLN B 312 -16.93 28.26 10.64
N PRO B 313 -16.39 28.09 9.45
CA PRO B 313 -15.07 27.47 9.25
C PRO B 313 -13.91 28.38 9.70
N ILE B 314 -12.69 27.87 9.62
CA ILE B 314 -11.47 28.61 9.87
C ILE B 314 -10.58 28.40 8.66
N GLU B 315 -9.66 29.31 8.37
CA GLU B 315 -8.72 29.09 7.28
C GLU B 315 -7.43 28.57 7.90
N ILE B 316 -6.92 27.47 7.33
CA ILE B 316 -5.59 26.95 7.66
C ILE B 316 -4.61 27.34 6.57
N ASP B 317 -3.55 28.07 6.92
CA ASP B 317 -2.56 28.51 5.93
C ASP B 317 -1.34 27.64 5.99
N PHE B 318 -1.10 26.91 4.90
CA PHE B 318 0.01 26.02 4.78
C PHE B 318 1.28 26.65 4.15
N THR B 319 1.29 27.96 3.96
CA THR B 319 2.49 28.62 3.50
C THR B 319 3.60 28.47 4.54
N PRO B 320 4.76 27.96 4.12
CA PRO B 320 5.91 27.78 5.03
C PRO B 320 6.67 29.09 5.23
N PRO B 321 7.50 29.20 6.27
CA PRO B 321 7.80 28.22 7.34
C PRO B 321 6.68 28.14 8.42
N TYR B 322 6.70 27.08 9.21
CA TYR B 322 5.69 26.91 10.25
C TYR B 322 6.34 27.10 11.59
N PRO B 323 5.53 27.41 12.60
CA PRO B 323 6.10 27.61 13.94
C PRO B 323 6.67 26.31 14.49
N LYS B 324 7.77 26.47 15.25
CA LYS B 324 8.47 25.40 15.97
C LYS B 324 8.45 25.72 17.44
N VAL B 325 7.55 25.12 18.17
CA VAL B 325 7.47 25.36 19.61
C VAL B 325 8.25 24.29 20.34
N SER B 326 9.27 24.70 21.07
CA SER B 326 10.04 23.77 21.89
C SER B 326 9.31 23.42 23.19
N ILE B 327 8.98 22.16 23.34
CA ILE B 327 8.05 21.71 24.36
C ILE B 327 8.44 22.05 25.81
N VAL B 328 9.70 21.95 26.17
CA VAL B 328 10.09 22.37 27.50
C VAL B 328 10.08 23.90 27.68
N GLU B 329 10.62 24.67 26.71
CA GLU B 329 10.56 26.17 26.80
C GLU B 329 9.13 26.61 27.07
N GLU B 330 8.20 25.99 26.35
CA GLU B 330 6.82 26.46 26.34
C GLU B 330 6.00 26.08 27.58
N ILE B 331 6.16 24.86 28.09
CA ILE B 331 5.48 24.51 29.36
C ILE B 331 6.00 25.33 30.56
N GLU B 332 7.32 25.50 30.63
CA GLU B 332 7.93 26.31 31.69
C GLU B 332 7.53 27.78 31.56
N LYS B 333 7.38 28.23 30.31
CA LYS B 333 6.88 29.55 30.04
C LYS B 333 5.49 29.69 30.61
N VAL B 334 4.54 28.92 30.10
CA VAL B 334 3.13 29.12 30.50
C VAL B 334 2.87 28.76 31.94
N THR B 335 3.62 27.83 32.54
CA THR B 335 3.36 27.43 33.94
C THR B 335 4.24 28.14 34.95
N ASN B 336 5.21 28.93 34.51
CA ASN B 336 6.03 29.71 35.44
C ASN B 336 6.93 28.85 36.37
N THR B 337 7.30 27.66 35.89
CA THR B 337 8.00 26.61 36.66
C THR B 337 9.23 26.11 35.94
N ILE B 338 10.30 25.82 36.68
CA ILE B 338 11.36 24.98 36.14
C ILE B 338 11.07 23.51 36.50
N LEU B 339 11.13 22.67 35.49
CA LEU B 339 10.98 21.25 35.69
C LEU B 339 12.37 20.67 35.64
N GLU B 340 12.93 20.42 36.82
CA GLU B 340 14.26 19.82 36.96
C GLU B 340 14.29 18.41 36.38
N GLN B 341 15.47 18.00 35.91
CA GLN B 341 15.67 16.64 35.40
C GLN B 341 16.49 15.88 36.43
N PRO B 342 16.30 14.56 36.54
CA PRO B 342 15.44 13.83 35.64
C PRO B 342 13.97 14.11 35.84
N PHE B 343 13.26 14.16 34.72
CA PHE B 343 11.83 14.27 34.71
C PHE B 343 11.16 13.13 35.44
N ASP B 344 11.77 11.95 35.47
CA ASP B 344 11.19 10.83 36.23
C ASP B 344 11.55 10.82 37.70
N SER B 345 12.30 11.81 38.16
CA SER B 345 12.57 11.99 39.58
C SER B 345 11.29 12.30 40.34
N ASN B 346 11.26 12.03 41.64
CA ASN B 346 10.04 12.21 42.40
C ASN B 346 9.64 13.68 42.47
N GLU B 347 10.63 14.55 42.70
CA GLU B 347 10.39 16.00 42.90
C GLU B 347 9.79 16.64 41.64
N THR B 348 10.17 16.18 40.45
CA THR B 348 9.64 16.75 39.22
C THR B 348 8.31 16.11 38.89
N ILE B 349 8.21 14.79 38.99
CA ILE B 349 6.92 14.09 38.82
C ILE B 349 5.83 14.71 39.68
N GLU B 350 6.19 15.09 40.90
CA GLU B 350 5.23 15.67 41.86
C GLU B 350 4.81 17.07 41.49
N LYS B 351 5.79 17.84 41.03
CA LYS B 351 5.56 19.19 40.56
C LYS B 351 4.66 19.19 39.30
N MET B 352 4.79 18.19 38.46
CA MET B 352 3.92 18.04 37.28
C MET B 352 2.53 17.63 37.74
N ILE B 353 2.47 16.80 38.77
CA ILE B 353 1.18 16.41 39.34
C ILE B 353 0.51 17.65 39.85
N ASN B 354 1.28 18.51 40.51
CA ASN B 354 0.73 19.74 41.06
C ASN B 354 0.32 20.81 40.09
N ILE B 355 0.98 20.88 38.93
CA ILE B 355 0.54 21.75 37.85
C ILE B 355 -0.80 21.29 37.30
N ILE B 356 -0.87 20.04 36.87
CA ILE B 356 -2.16 19.46 36.44
C ILE B 356 -3.31 19.60 37.48
N LYS B 357 -3.01 19.60 38.77
CA LYS B 357 -4.08 19.76 39.78
C LYS B 357 -4.57 21.22 39.89
N GLU B 358 -3.61 22.15 40.08
CA GLU B 358 -3.89 23.60 40.11
C GLU B 358 -4.72 24.02 38.89
N HIS B 359 -4.41 23.51 37.70
CA HIS B 359 -5.24 23.82 36.54
C HIS B 359 -6.41 22.87 36.38
N LYS B 360 -6.71 22.10 37.42
CA LYS B 360 -7.96 21.35 37.49
C LYS B 360 -8.17 20.36 36.33
N ILE B 361 -7.09 19.77 35.81
CA ILE B 361 -7.11 18.86 34.65
C ILE B 361 -7.13 17.38 35.06
N GLU B 362 -7.62 16.51 34.19
CA GLU B 362 -7.56 15.05 34.37
C GLU B 362 -6.12 14.53 34.44
N LEU B 363 -5.77 13.94 35.57
CA LEU B 363 -4.50 13.24 35.79
C LEU B 363 -4.48 11.87 35.09
N PRO B 364 -3.38 11.52 34.37
CA PRO B 364 -3.27 10.27 33.60
C PRO B 364 -3.09 8.92 34.35
N ASN B 365 -3.33 7.84 33.56
CA ASN B 365 -3.71 6.46 33.97
C ASN B 365 -2.98 5.82 35.15
N PRO B 366 -1.67 5.56 34.98
CA PRO B 366 -0.78 5.76 36.10
C PRO B 366 0.01 7.06 35.82
N PRO B 367 0.27 7.86 36.87
CA PRO B 367 1.03 9.10 36.68
C PRO B 367 2.52 8.95 36.36
N THR B 368 2.89 8.30 35.25
CA THR B 368 4.30 8.27 34.87
C THR B 368 4.72 9.61 34.24
N ALA B 369 6.02 9.91 34.29
CA ALA B 369 6.53 11.18 33.76
C ALA B 369 6.28 11.41 32.27
N ALA B 370 6.36 10.35 31.46
CA ALA B 370 6.12 10.50 30.04
C ALA B 370 4.69 10.90 29.86
N LYS B 371 3.78 10.22 30.52
CA LYS B 371 2.35 10.52 30.38
C LYS B 371 1.91 11.91 30.98
N LEU B 372 2.64 12.40 31.98
CA LEU B 372 2.37 13.72 32.57
C LEU B 372 2.81 14.85 31.63
N LEU B 373 3.98 14.68 31.01
CA LEU B 373 4.45 15.60 30.01
C LEU B 373 3.53 15.60 28.80
N ASP B 374 3.05 14.41 28.42
CA ASP B 374 2.13 14.32 27.30
C ASP B 374 0.85 15.12 27.57
N GLN B 375 0.36 15.08 28.80
CA GLN B 375 -0.82 15.86 29.17
C GLN B 375 -0.58 17.38 29.25
N LEU B 376 0.43 17.78 30.02
CA LEU B 376 0.92 19.16 30.00
C LEU B 376 1.02 19.74 28.57
N ALA B 377 1.68 19.00 27.68
CA ALA B 377 1.80 19.43 26.28
C ALA B 377 0.46 19.55 25.57
N SER B 378 -0.39 18.57 25.72
CA SER B 378 -1.65 18.60 25.00
C SER B 378 -2.68 19.57 25.61
N HIS B 379 -2.47 20.02 26.86
CA HIS B 379 -3.31 21.08 27.43
C HIS B 379 -2.77 22.46 27.17
N PHE B 380 -1.49 22.69 27.45
CA PHE B 380 -0.88 24.01 27.23
C PHE B 380 -0.25 24.26 25.85
N ILE B 381 -0.01 23.26 25.01
CA ILE B 381 0.73 23.49 23.76
C ILE B 381 0.01 23.05 22.48
N GLU B 382 -0.64 21.88 22.47
CA GLU B 382 -1.15 21.32 21.20
C GLU B 382 -2.21 22.15 20.46
N ASN B 383 -2.74 23.21 21.08
CA ASN B 383 -3.67 24.11 20.41
C ASN B 383 -3.23 25.58 20.38
N LYS B 384 -1.91 25.83 20.51
CA LYS B 384 -1.31 27.18 20.35
C LYS B 384 -1.69 27.87 19.01
N TYR B 385 -1.84 27.08 17.96
CA TYR B 385 -2.25 27.62 16.66
C TYR B 385 -3.39 26.75 16.09
N ASN B 386 -4.32 27.43 15.42
CA ASN B 386 -5.37 26.80 14.67
C ASN B 386 -5.33 27.25 13.20
N ASP B 387 -4.72 28.40 12.93
CA ASP B 387 -4.74 28.98 11.57
C ASP B 387 -3.54 28.61 10.70
N LYS B 388 -2.62 27.82 11.25
CA LYS B 388 -1.55 27.24 10.47
C LYS B 388 -1.11 25.93 11.11
N PRO B 389 -0.51 25.02 10.31
CA PRO B 389 0.01 23.83 10.94
C PRO B 389 1.26 24.26 11.68
N PHE B 390 1.72 23.49 12.67
CA PHE B 390 2.92 23.88 13.41
C PHE B 390 3.61 22.72 14.09
N PHE B 391 4.85 22.93 14.51
CA PHE B 391 5.70 21.85 15.04
C PHE B 391 5.92 22.02 16.52
N ILE B 392 5.82 20.89 17.22
CA ILE B 392 6.33 20.76 18.57
C ILE B 392 7.65 20.02 18.49
N VAL B 393 8.72 20.64 18.99
CA VAL B 393 10.05 20.06 18.80
C VAL B 393 10.81 19.83 20.11
N GLU B 394 11.80 18.97 20.02
CA GLU B 394 12.77 18.79 21.06
C GLU B 394 12.20 18.11 22.32
N HIS B 395 11.44 17.04 22.14
CA HIS B 395 10.81 16.31 23.26
C HIS B 395 11.85 15.60 24.11
N PRO B 396 11.60 15.44 25.41
CA PRO B 396 12.50 14.76 26.30
C PRO B 396 12.78 13.38 25.91
N GLN B 397 13.97 12.88 26.20
CA GLN B 397 14.29 11.45 25.93
C GLN B 397 13.23 10.53 26.52
N ILE B 398 12.80 10.76 27.75
CA ILE B 398 11.87 9.78 28.37
C ILE B 398 10.53 9.69 27.66
N MET B 399 10.25 10.58 26.72
CA MET B 399 9.06 10.48 25.84
C MET B 399 9.37 9.87 24.52
N SER B 400 10.64 9.69 24.21
CA SER B 400 11.09 9.51 22.84
C SER B 400 12.17 8.41 22.72
N PRO B 401 11.85 7.18 23.15
CA PRO B 401 12.85 6.13 23.30
C PRO B 401 13.63 5.72 22.07
N LEU B 402 13.16 6.03 20.86
CA LEU B 402 13.90 5.71 19.62
C LEU B 402 14.56 6.97 18.98
N ALA B 403 14.32 8.14 19.55
CA ALA B 403 14.86 9.35 19.00
C ALA B 403 16.22 9.58 19.58
N LYS B 404 17.14 10.04 18.76
CA LYS B 404 18.48 10.35 19.23
C LYS B 404 18.54 11.52 20.20
N TYR B 405 19.51 11.48 21.10
CA TYR B 405 19.75 12.60 22.02
C TYR B 405 20.13 13.92 21.32
N HIS B 406 19.67 15.03 21.85
CA HIS B 406 19.95 16.32 21.22
C HIS B 406 21.45 16.60 21.21
N ARG B 407 21.96 17.13 20.11
CA ARG B 407 23.39 17.38 20.02
C ARG B 407 23.93 18.50 20.93
N THR B 408 23.07 19.36 21.44
CA THR B 408 23.46 20.37 22.40
C THR B 408 22.64 20.42 23.66
N LYS B 409 21.49 19.73 23.70
CA LYS B 409 20.51 19.94 24.77
C LYS B 409 20.30 18.71 25.68
N PRO B 410 21.05 18.64 26.82
CA PRO B 410 20.94 17.53 27.76
C PRO B 410 19.51 17.20 28.13
N GLY B 411 19.15 15.94 28.09
CA GLY B 411 17.83 15.48 28.41
C GLY B 411 16.87 15.40 27.24
N LEU B 412 17.18 16.06 26.15
CA LEU B 412 16.23 16.21 25.09
C LEU B 412 16.61 15.35 23.87
N THR B 413 15.76 15.40 22.85
CA THR B 413 15.94 14.63 21.63
C THR B 413 15.66 15.47 20.39
N GLU B 414 16.11 14.95 19.27
CA GLU B 414 16.01 15.68 18.03
C GLU B 414 14.75 15.22 17.34
N ARG B 415 13.62 15.59 17.95
CA ARG B 415 12.30 15.13 17.51
C ARG B 415 11.41 16.31 17.15
N LEU B 416 10.50 16.08 16.19
CA LEU B 416 9.47 17.03 15.80
C LEU B 416 8.16 16.27 15.58
N GLU B 417 7.04 16.92 15.92
CA GLU B 417 5.71 16.45 15.58
C GLU B 417 4.92 17.59 15.00
N MET B 418 4.29 17.37 13.87
CA MET B 418 3.50 18.43 13.28
C MET B 418 2.06 18.21 13.68
N PHE B 419 1.36 19.32 13.94
CA PHE B 419 -0.04 19.35 14.33
C PHE B 419 -0.84 20.23 13.41
N ILE B 420 -2.06 19.77 13.12
CA ILE B 420 -3.02 20.57 12.41
C ILE B 420 -4.30 20.57 13.26
N CYS B 421 -4.75 21.75 13.70
CA CYS B 421 -5.95 21.86 14.54
C CYS B 421 -5.95 20.92 15.74
N GLY B 422 -4.84 20.84 16.43
CA GLY B 422 -4.80 20.09 17.67
C GLY B 422 -4.53 18.62 17.55
N LYS B 423 -4.65 18.07 16.35
CA LYS B 423 -4.33 16.67 16.14
C LYS B 423 -2.97 16.50 15.50
N GLU B 424 -2.24 15.53 16.01
CA GLU B 424 -0.95 15.12 15.48
C GLU B 424 -1.09 14.37 14.14
N VAL B 425 -0.32 14.78 13.14
CA VAL B 425 -0.35 14.13 11.83
C VAL B 425 1.00 13.69 11.29
N LEU B 426 2.08 14.03 11.99
CA LEU B 426 3.44 13.75 11.53
C LEU B 426 4.33 13.71 12.78
N ASN B 427 5.15 12.67 12.85
CA ASN B 427 6.07 12.47 13.93
C ASN B 427 7.39 12.04 13.34
N ALA B 428 8.46 12.77 13.66
CA ALA B 428 9.77 12.54 13.05
C ALA B 428 10.90 12.85 14.00
N TYR B 429 12.01 12.14 13.82
CA TYR B 429 13.20 12.50 14.54
C TYR B 429 14.50 12.03 13.86
N THR B 430 15.62 12.57 14.35
CA THR B 430 16.90 12.02 14.06
C THR B 430 16.92 10.69 14.83
N GLU B 431 17.26 9.60 14.12
CA GLU B 431 17.15 8.26 14.68
C GLU B 431 18.29 7.93 15.64
N LEU B 432 17.96 7.47 16.83
CA LEU B 432 18.97 6.91 17.74
C LEU B 432 19.57 5.65 17.09
N ASN B 433 20.88 5.67 16.83
CA ASN B 433 21.59 4.61 16.12
C ASN B 433 22.76 4.03 16.90
N ASP B 434 22.82 4.41 18.17
CA ASP B 434 23.76 3.94 19.18
C ASP B 434 23.17 2.73 19.87
N PRO B 435 23.69 1.54 19.60
CA PRO B 435 22.99 0.44 20.20
C PRO B 435 23.07 0.45 21.71
N PHE B 436 23.97 1.22 22.30
CA PHE B 436 24.11 1.22 23.77
C PHE B 436 23.13 2.10 24.46
N LYS B 437 22.96 3.35 23.98
CA LYS B 437 21.95 4.28 24.54
C LYS B 437 20.52 3.79 24.31
N GLN B 438 20.36 2.72 23.55
CA GLN B 438 19.06 2.15 23.28
C GLN B 438 18.88 1.02 24.26
N ASP B 460 12.75 -5.18 20.23
CA ASP B 460 13.07 -6.30 19.32
C ASP B 460 14.57 -6.64 19.31
N SER B 461 14.86 -7.95 19.49
CA SER B 461 16.21 -8.52 19.44
C SER B 461 16.78 -8.59 18.03
N ALA B 462 15.98 -8.99 17.05
CA ALA B 462 16.39 -8.86 15.66
C ALA B 462 16.77 -7.41 15.39
N PHE B 463 15.98 -6.50 15.94
CA PHE B 463 16.20 -5.09 15.72
C PHE B 463 17.41 -4.61 16.51
N CYS B 464 17.43 -4.97 17.80
CA CYS B 464 18.54 -4.64 18.63
C CYS B 464 19.87 -5.13 18.02
N THR B 465 19.85 -6.36 17.47
CA THR B 465 21.05 -6.91 16.84
C THR B 465 21.49 -6.17 15.58
N SER B 466 20.56 -5.82 14.71
CA SER B 466 20.90 -5.04 13.53
C SER B 466 21.58 -3.73 13.95
N LEU B 467 21.19 -3.12 15.07
CA LEU B 467 21.83 -1.84 15.43
C LEU B 467 23.28 -2.07 15.72
N GLU B 468 23.62 -3.27 16.14
CA GLU B 468 25.00 -3.62 16.38
C GLU B 468 25.84 -3.78 15.09
N TYR B 469 25.19 -3.91 13.93
CA TYR B 469 25.88 -3.96 12.63
C TYR B 469 26.11 -2.57 12.02
N GLY B 470 25.64 -1.53 12.69
CA GLY B 470 25.92 -0.18 12.22
C GLY B 470 24.79 0.46 11.48
N LEU B 471 24.01 1.30 12.19
CA LEU B 471 22.97 2.10 11.53
C LEU B 471 23.58 3.46 11.26
N PRO B 472 23.57 3.93 10.00
CA PRO B 472 24.16 5.25 9.78
C PRO B 472 23.30 6.35 10.43
N PRO B 473 23.88 7.52 10.66
CA PRO B 473 22.99 8.61 11.00
C PRO B 473 21.94 8.75 9.93
N THR B 474 20.71 8.92 10.38
CA THR B 474 19.52 8.70 9.60
C THR B 474 18.45 9.58 10.24
N GLY B 475 17.56 10.09 9.39
CA GLY B 475 16.37 10.84 9.74
C GLY B 475 15.19 9.98 9.34
N GLY B 476 14.14 10.01 10.15
CA GLY B 476 12.99 9.11 9.99
C GLY B 476 11.70 9.86 10.22
N LEU B 477 10.64 9.50 9.48
CA LEU B 477 9.45 10.32 9.49
C LEU B 477 8.23 9.55 9.23
N GLY B 478 7.19 9.85 9.99
CA GLY B 478 5.89 9.10 9.91
C GLY B 478 4.76 10.09 9.64
N LEU B 479 3.76 9.63 8.91
CA LEU B 479 2.62 10.45 8.54
C LEU B 479 1.36 9.69 8.83
N GLY B 480 0.36 10.42 9.29
CA GLY B 480 -1.02 9.93 9.36
C GLY B 480 -1.86 10.31 8.15
N ILE B 481 -1.92 9.42 7.18
CA ILE B 481 -2.60 9.70 5.92
C ILE B 481 -4.08 9.97 6.10
N ASP B 482 -4.74 9.18 6.91
CA ASP B 482 -6.15 9.40 7.16
C ASP B 482 -6.37 10.78 7.74
N ARG B 483 -5.61 11.11 8.78
CA ARG B 483 -5.79 12.39 9.40
C ARG B 483 -5.52 13.56 8.44
N ILE B 484 -4.44 13.48 7.67
CA ILE B 484 -4.20 14.51 6.66
C ILE B 484 -5.35 14.64 5.66
N THR B 485 -5.89 13.50 5.24
CA THR B 485 -7.06 13.50 4.36
C THR B 485 -8.24 14.26 4.97
N MET B 486 -8.47 14.05 6.27
CA MET B 486 -9.56 14.76 6.94
C MET B 486 -9.53 16.26 6.73
N PHE B 487 -8.40 16.88 7.04
CA PHE B 487 -8.26 18.33 6.91
C PHE B 487 -8.36 18.76 5.45
N LEU B 488 -7.74 18.01 4.56
CA LEU B 488 -7.77 18.31 3.14
C LEU B 488 -9.07 17.93 2.39
N THR B 489 -10.05 17.41 3.09
CA THR B 489 -11.36 17.17 2.51
C THR B 489 -12.41 17.65 3.48
N ASN B 490 -12.05 18.58 4.34
CA ASN B 490 -12.97 19.17 5.29
C ASN B 490 -13.83 18.18 6.05
N LYS B 491 -13.27 17.08 6.51
CA LYS B 491 -14.06 16.14 7.29
C LYS B 491 -13.79 16.27 8.80
N ASN B 492 -14.78 15.98 9.64
CA ASN B 492 -14.63 16.04 11.11
C ASN B 492 -14.42 14.71 11.76
N SER B 493 -14.46 13.65 10.95
CA SER B 493 -14.19 12.31 11.44
C SER B 493 -13.31 11.51 10.50
N ILE B 494 -12.46 10.71 11.10
CA ILE B 494 -11.67 9.75 10.35
C ILE B 494 -12.53 8.71 9.64
N LYS B 495 -13.72 8.44 10.16
CA LYS B 495 -14.64 7.50 9.54
C LYS B 495 -15.15 7.98 8.18
N ASP B 496 -15.11 9.28 7.94
CA ASP B 496 -15.50 9.87 6.66
C ASP B 496 -14.47 9.72 5.54
N VAL B 497 -13.23 9.38 5.86
CA VAL B 497 -12.18 9.23 4.84
C VAL B 497 -11.66 7.80 4.71
N ILE B 498 -12.30 6.85 5.39
CA ILE B 498 -11.95 5.43 5.26
C ILE B 498 -13.16 4.76 4.66
N LEU B 499 -13.01 4.00 3.59
CA LEU B 499 -14.17 3.44 2.91
C LEU B 499 -15.07 2.59 3.84
N PHE B 500 -14.45 1.63 4.53
CA PHE B 500 -15.19 0.81 5.51
C PHE B 500 -14.61 0.91 6.95
N PRO B 501 -14.96 1.97 7.71
CA PRO B 501 -14.40 2.08 9.05
C PRO B 501 -14.88 0.94 9.93
N THR B 502 -14.10 0.57 10.94
CA THR B 502 -14.49 -0.55 11.80
C THR B 502 -15.60 -0.05 12.70
N MET B 503 -16.63 -0.88 12.81
CA MET B 503 -17.83 -0.53 13.54
C MET B 503 -18.33 -1.74 14.28
N ARG B 504 -19.20 -1.53 15.26
CA ARG B 504 -19.88 -2.64 15.90
C ARG B 504 -20.83 -3.24 14.85
N PRO B 505 -21.17 -4.52 14.98
CA PRO B 505 -22.26 -5.10 14.18
C PRO B 505 -23.66 -4.77 14.74
#